data_8OEF
#
_entry.id   8OEF
#
_cell.length_a   1.00
_cell.length_b   1.00
_cell.length_c   1.00
_cell.angle_alpha   90.00
_cell.angle_beta   90.00
_cell.angle_gamma   90.00
#
_symmetry.space_group_name_H-M   'P 1'
#
_entity_poly.entity_id   1
_entity_poly.type   'polypeptide(L)'
_entity_poly.pdbx_seq_one_letter_code
;MGDTAKPYFVKRTKDRGTMDDDDFRRGHPQQDYLIIDDHAKGHGSKMEKGLQKKKITPGNYGNTPRKGPCAVSSNPYAFK
NPIYSQPAWMNDSHKDQSKRWLSDEHTGNSDNWREFKPGPRIPVINRQRKDSFQENEDGYRWQDTRGCRTVRRLFHKDLT
SLETTSEMEAGSPENKKQRSRPRKPRKTRNEENEQDGDLEGPVIDESVLSTKELLGLQQAEERLKRDCIDRLKRRPRNYP
TAKYTCRLCDVLIESIAFAHKHIKEKRHKKNIKEKQEEELLTTLPPPTPSQINAVGIAIDKVVQEFGLHNENLEQRLEIK
RIMENVFQHKLPDCSLRLYGSSCSRLGFKNSDVNIDIQFPAIMSQPDVLLLVQECLKNSDSFIDVDADFHARVPVVVCRE
KQSGLLCKVSAGNENACLTTKHLTALGKLEPKLVPLVIAFRYWAKLCSIDRPEEGGLPPYVFALMAIFFLQQRKEPLLPV
YLGSWIEGFSLSKLGNFNLQDIEKDVVIWEHTDSAAGDTGITKEEAPRETPIKRGQVSLILDVKHQPSVPVGQLWVELLR
FYALEFNLADLVISIRVKELVSRELKDWPKKRIAIEDPYSVKRNVARTLNSQPVFEYILHCLRTTYKYFALPHKITKSSL
LKPLNAITCISEHSKEVINHHPDVQTKDDKLKNSVLAQGPGATSSAANTCKVQPLTLKETAESFGSPPKEEMGNEHISVH
PENSDCIQADVNSDDYKGDKVYHPETGRKNEKEKVGRKGKHLLTVDQKRGEHVVCGSTRNNESESTLDLEGFQNPTAKEC
EGLATLDNKADLDGESTEGTEELEDSLNHFTHSVQGQTSEMIPSDEEEEDDEEEEEEEEPRLTINQREDEDGMANEDELD
NTYTGSGDEDALSEEDDELGEAAKYEDVKECGKHVERALLVELNKISLKEENVCEEKNSPVDQSDFFYEFSKLIFTKGKS
PTVVCSLCKREGHLKKDCPEDFKRIQLEPLPPLTPKFLNILDQVCIQCYKDFSPTIIEDQAREHIRQNLESFIRQDFPGT
KLSLFGSSKNGFGFKQSDLDVCMTINGLETAEGLDCVRTIEELARVLRKHSGLRNILPITTAKVPIVKFFHLRSGLEVDI
SLYNTLALHNTRLLSAYSAIDPRVKYLCYTMKVFTKMCDIGDASRGSLSSYAYTLMVLYFLQQRNPPVIPVLQEIYKGEK
KPEIFVDGWNIYFFDQIDELPTYWSECGKNTESVGQLWLGLLRFYTEEFDFKEHVISIRRKSLLTTFKKQWTSKYIVIED
PFDLNHNLGAGLSRKMTNFIMKAFINGRRVFGIPVKGFPKDYPSKMEYFFDPDVLTEGELAPNDRCCRICGKIGHFMKDC
PMRRKVRRRRDQEDALNQRYPENKEKRSKEDKEIHNKYTEREVSTKEDKPIQCTPQKAKPMRAAADLGREKILRPPVEKW
KRQDDKDLREKRCFICGREGHIKKECPQFKGSSGSLSSKYMTQGKASAKRTQQES
;
_entity_poly.pdbx_strand_id   A
#
# COMPACT_ATOMS: atom_id res chain seq x y z
N ASN A 293 22.66 -33.81 27.30
CA ASN A 293 23.89 -33.61 26.53
C ASN A 293 23.81 -34.34 25.19
N ALA A 294 23.08 -35.45 25.15
CA ALA A 294 22.94 -36.20 23.91
C ALA A 294 22.28 -35.35 22.84
N VAL A 295 21.12 -34.76 23.16
CA VAL A 295 20.46 -33.85 22.22
C VAL A 295 21.26 -32.56 22.09
N GLY A 296 21.91 -32.12 23.16
CA GLY A 296 22.69 -30.90 23.10
C GLY A 296 23.82 -30.97 22.10
N ILE A 297 24.35 -32.17 21.85
CA ILE A 297 25.39 -32.33 20.83
C ILE A 297 24.77 -32.35 19.43
N ALA A 298 23.55 -32.86 19.30
CA ALA A 298 22.91 -32.93 17.99
C ALA A 298 22.70 -31.55 17.40
N ILE A 299 22.24 -30.59 18.21
CA ILE A 299 21.97 -29.25 17.69
C ILE A 299 23.27 -28.58 17.26
N ASP A 300 24.37 -28.86 17.96
CA ASP A 300 25.66 -28.29 17.56
C ASP A 300 26.04 -28.75 16.16
N LYS A 301 25.75 -30.02 15.84
CA LYS A 301 25.98 -30.49 14.48
C LYS A 301 25.09 -29.77 13.48
N VAL A 302 23.86 -29.45 13.89
CA VAL A 302 22.99 -28.63 13.04
C VAL A 302 23.60 -27.25 12.83
N VAL A 303 24.17 -26.68 13.89
CA VAL A 303 24.80 -25.36 13.78
C VAL A 303 25.96 -25.41 12.80
N GLN A 304 26.77 -26.47 12.85
CA GLN A 304 27.86 -26.63 11.89
C GLN A 304 27.32 -26.70 10.47
N GLU A 305 26.24 -27.45 10.25
CA GLU A 305 25.73 -27.67 8.91
C GLU A 305 25.13 -26.39 8.32
N PHE A 306 24.32 -25.67 9.10
CA PHE A 306 23.55 -24.56 8.57
C PHE A 306 23.76 -23.25 9.33
N GLY A 307 24.72 -23.20 10.25
CA GLY A 307 25.00 -21.96 10.94
C GLY A 307 25.90 -21.04 10.15
N LEU A 308 25.88 -19.76 10.52
CA LEU A 308 26.72 -18.75 9.89
C LEU A 308 28.01 -18.66 10.70
N HIS A 309 29.11 -19.09 10.08
CA HIS A 309 30.40 -19.09 10.73
C HIS A 309 31.16 -17.79 10.44
N ASN A 310 32.38 -17.69 10.96
CA ASN A 310 33.14 -16.46 10.83
C ASN A 310 33.46 -16.14 9.38
N GLU A 311 33.86 -17.14 8.59
CA GLU A 311 34.24 -16.88 7.21
C GLU A 311 33.13 -16.17 6.45
N ASN A 312 31.86 -16.46 6.79
CA ASN A 312 30.76 -15.73 6.20
C ASN A 312 30.60 -14.33 6.82
N LEU A 313 31.02 -14.16 8.07
CA LEU A 313 30.87 -12.87 8.72
C LEU A 313 31.70 -11.80 8.02
N GLU A 314 32.99 -12.08 7.80
CA GLU A 314 33.82 -11.10 7.08
C GLU A 314 33.42 -11.00 5.63
N GLN A 315 33.07 -12.12 4.99
CA GLN A 315 32.67 -12.06 3.59
C GLN A 315 31.51 -11.08 3.42
N ARG A 316 30.58 -11.06 4.38
CA ARG A 316 29.49 -10.10 4.33
C ARG A 316 29.98 -8.69 4.67
N LEU A 317 31.06 -8.57 5.44
CA LEU A 317 31.60 -7.25 5.74
C LEU A 317 32.18 -6.59 4.49
N GLU A 318 32.88 -7.36 3.65
CA GLU A 318 33.34 -6.82 2.38
C GLU A 318 32.19 -6.38 1.49
N ILE A 319 30.99 -6.93 1.69
CA ILE A 319 29.83 -6.41 0.98
C ILE A 319 29.58 -4.95 1.39
N LYS A 320 29.62 -4.68 2.70
CA LYS A 320 29.49 -3.31 3.16
C LYS A 320 30.64 -2.45 2.63
N ARG A 321 31.84 -3.03 2.56
CA ARG A 321 33.00 -2.28 2.08
C ARG A 321 32.78 -1.81 0.64
N ILE A 322 32.29 -2.70 -0.23
CA ILE A 322 32.06 -2.33 -1.61
C ILE A 322 30.89 -1.35 -1.72
N MET A 323 29.83 -1.56 -0.93
CA MET A 323 28.76 -0.57 -0.88
C MET A 323 29.28 0.81 -0.48
N GLU A 324 30.30 0.87 0.37
CA GLU A 324 30.76 2.16 0.87
C GLU A 324 31.23 3.07 -0.26
N ASN A 325 31.95 2.50 -1.23
CA ASN A 325 32.47 3.30 -2.35
C ASN A 325 31.43 3.56 -3.43
N VAL A 326 30.30 2.85 -3.41
CA VAL A 326 29.23 3.14 -4.36
C VAL A 326 28.43 4.35 -3.93
N PHE A 327 27.99 4.39 -2.67
CA PHE A 327 27.17 5.48 -2.18
C PHE A 327 27.97 6.73 -1.84
N GLN A 328 29.31 6.67 -1.91
CA GLN A 328 30.12 7.80 -1.46
C GLN A 328 30.11 8.93 -2.48
N HIS A 329 30.07 8.61 -3.77
CA HIS A 329 30.16 9.65 -4.79
C HIS A 329 28.97 10.59 -4.75
N LYS A 330 27.77 10.05 -4.58
CA LYS A 330 26.55 10.84 -4.64
C LYS A 330 25.99 11.21 -3.28
N LEU A 331 26.24 10.39 -2.26
CA LEU A 331 25.74 10.64 -0.90
C LEU A 331 26.89 10.50 0.09
N PRO A 332 27.86 11.42 0.05
CA PRO A 332 29.02 11.31 0.94
C PRO A 332 28.66 11.35 2.41
N ASP A 333 27.62 12.09 2.79
CA ASP A 333 27.26 12.25 4.19
C ASP A 333 26.50 11.07 4.76
N CYS A 334 26.00 10.17 3.92
CA CYS A 334 25.23 9.03 4.41
C CYS A 334 26.15 7.95 4.95
N SER A 335 25.56 7.04 5.74
CA SER A 335 26.31 5.96 6.35
C SER A 335 25.43 4.72 6.41
N LEU A 336 26.07 3.57 6.57
CA LEU A 336 25.41 2.27 6.57
C LEU A 336 25.55 1.62 7.94
N ARG A 337 24.45 1.05 8.43
CA ARG A 337 24.41 0.36 9.70
C ARG A 337 23.98 -1.09 9.45
N LEU A 338 24.93 -2.01 9.54
CA LEU A 338 24.65 -3.41 9.29
C LEU A 338 23.71 -3.96 10.36
N TYR A 339 22.75 -4.77 9.93
CA TYR A 339 21.72 -5.28 10.83
C TYR A 339 21.17 -6.58 10.26
N GLY A 340 20.22 -7.16 10.99
CA GLY A 340 19.60 -8.40 10.58
C GLY A 340 20.25 -9.61 11.22
N SER A 341 20.02 -10.75 10.58
CA SER A 341 20.58 -12.02 11.05
C SER A 341 22.10 -12.08 10.92
N SER A 342 22.71 -11.16 10.16
CA SER A 342 24.15 -11.16 9.99
C SER A 342 24.86 -10.85 11.31
N CYS A 343 24.61 -9.66 11.86
CA CYS A 343 25.23 -9.30 13.13
C CYS A 343 24.77 -10.22 14.25
N SER A 344 23.47 -10.53 14.30
CA SER A 344 22.97 -11.46 15.30
C SER A 344 23.41 -12.89 15.02
N ARG A 345 23.89 -13.18 13.80
CA ARG A 345 24.32 -14.52 13.41
C ARG A 345 23.33 -15.59 13.89
N LEU A 346 22.04 -15.24 13.86
CA LEU A 346 20.98 -16.18 14.18
C LEU A 346 20.40 -16.88 12.97
N GLY A 347 20.70 -16.39 11.76
CA GLY A 347 20.17 -16.98 10.54
C GLY A 347 21.06 -18.08 10.00
N PHE A 348 20.67 -18.59 8.84
CA PHE A 348 21.42 -19.64 8.17
C PHE A 348 22.65 -19.06 7.49
N LYS A 349 23.49 -19.97 6.97
CA LYS A 349 24.72 -19.54 6.31
C LYS A 349 24.42 -18.71 5.07
N ASN A 350 23.40 -19.10 4.30
CA ASN A 350 23.04 -18.43 3.06
C ASN A 350 21.94 -17.39 3.26
N SER A 351 21.86 -16.78 4.44
CA SER A 351 20.84 -15.77 4.70
C SER A 351 21.14 -14.50 3.92
N ASP A 352 20.08 -13.76 3.60
CA ASP A 352 20.23 -12.51 2.86
C ASP A 352 20.95 -11.46 3.71
N VAL A 353 21.63 -10.54 3.03
CA VAL A 353 22.38 -9.49 3.69
C VAL A 353 21.43 -8.31 3.91
N ASN A 354 21.13 -8.04 5.18
CA ASN A 354 20.25 -6.93 5.56
C ASN A 354 21.12 -5.73 5.93
N ILE A 355 21.06 -4.68 5.12
CA ILE A 355 21.84 -3.47 5.32
C ILE A 355 20.90 -2.28 5.33
N ASP A 356 21.11 -1.38 6.29
CA ASP A 356 20.29 -0.19 6.45
C ASP A 356 21.14 1.06 6.26
N ILE A 357 20.52 2.12 5.76
CA ILE A 357 21.18 3.38 5.47
C ILE A 357 20.62 4.45 6.41
N GLN A 358 21.51 5.25 6.98
CA GLN A 358 21.14 6.35 7.87
C GLN A 358 21.53 7.66 7.22
N PHE A 359 20.61 8.62 7.26
CA PHE A 359 20.79 9.92 6.62
C PHE A 359 20.38 11.02 7.60
N PRO A 360 20.85 12.24 7.40
CA PRO A 360 20.47 13.33 8.30
C PRO A 360 18.98 13.64 8.22
N ALA A 361 18.55 14.54 9.09
CA ALA A 361 17.14 14.91 9.13
C ALA A 361 16.73 15.78 7.96
N ILE A 362 17.68 16.37 7.24
CA ILE A 362 17.35 17.24 6.12
C ILE A 362 16.74 16.42 4.98
N MET A 363 17.36 15.30 4.65
CA MET A 363 16.89 14.46 3.56
C MET A 363 15.67 13.65 3.99
N SER A 364 14.84 13.30 3.02
CA SER A 364 13.66 12.48 3.26
C SER A 364 13.93 11.04 2.83
N GLN A 365 13.25 10.10 3.51
CA GLN A 365 13.51 8.69 3.24
C GLN A 365 13.24 8.32 1.79
N PRO A 366 12.13 8.70 1.17
CA PRO A 366 11.93 8.33 -0.25
C PRO A 366 13.03 8.86 -1.16
N ASP A 367 13.56 10.05 -0.88
CA ASP A 367 14.61 10.60 -1.72
C ASP A 367 15.88 9.78 -1.63
N VAL A 368 16.18 9.21 -0.46
CA VAL A 368 17.41 8.44 -0.31
C VAL A 368 17.35 7.15 -1.11
N LEU A 369 16.25 6.40 -0.98
CA LEU A 369 16.16 5.13 -1.67
C LEU A 369 16.08 5.32 -3.19
N LEU A 370 15.45 6.41 -3.64
CA LEU A 370 15.46 6.71 -5.07
C LEU A 370 16.88 6.95 -5.56
N LEU A 371 17.66 7.74 -4.82
CA LEU A 371 19.06 7.97 -5.19
C LEU A 371 19.86 6.68 -5.06
N VAL A 372 19.62 5.90 -4.00
CA VAL A 372 20.34 4.64 -3.81
C VAL A 372 20.03 3.67 -4.94
N GLN A 373 18.78 3.69 -5.43
CA GLN A 373 18.42 2.81 -6.54
C GLN A 373 19.29 3.08 -7.76
N GLU A 374 19.53 4.36 -8.07
CA GLU A 374 20.38 4.71 -9.20
C GLU A 374 21.81 4.26 -8.97
N CYS A 375 22.30 4.37 -7.74
CA CYS A 375 23.68 4.02 -7.45
C CYS A 375 23.94 2.54 -7.65
N LEU A 376 22.94 1.69 -7.39
CA LEU A 376 23.11 0.25 -7.55
C LEU A 376 22.90 -0.24 -8.96
N LYS A 377 21.98 0.38 -9.71
CA LYS A 377 21.71 -0.07 -11.07
C LYS A 377 22.92 0.14 -11.97
N ASN A 378 23.64 1.25 -11.80
CA ASN A 378 24.79 1.56 -12.63
C ASN A 378 26.09 0.98 -12.09
N SER A 379 26.01 -0.09 -11.29
CA SER A 379 27.19 -0.76 -10.74
C SER A 379 27.33 -2.13 -11.39
N ASP A 380 28.50 -2.38 -11.98
CA ASP A 380 28.75 -3.66 -12.64
C ASP A 380 28.88 -4.82 -11.66
N SER A 381 29.09 -4.52 -10.38
CA SER A 381 29.25 -5.56 -9.37
C SER A 381 27.92 -6.16 -8.93
N PHE A 382 26.80 -5.65 -9.43
CA PHE A 382 25.48 -6.06 -8.96
C PHE A 382 24.54 -6.24 -10.14
N ILE A 383 23.63 -7.21 -10.00
CA ILE A 383 22.70 -7.60 -11.06
C ILE A 383 21.35 -7.91 -10.42
N ASP A 384 20.34 -8.09 -11.28
CA ASP A 384 19.00 -8.43 -10.83
C ASP A 384 18.46 -7.38 -9.86
N VAL A 385 18.69 -6.11 -10.18
CA VAL A 385 18.24 -5.02 -9.33
C VAL A 385 16.75 -4.82 -9.52
N ASP A 386 16.00 -4.78 -8.42
CA ASP A 386 14.56 -4.61 -8.44
C ASP A 386 14.16 -3.59 -7.39
N ALA A 387 13.02 -2.93 -7.60
CA ALA A 387 12.52 -1.89 -6.73
C ALA A 387 11.15 -2.32 -6.19
N ASP A 388 11.17 -3.09 -5.10
CA ASP A 388 9.95 -3.53 -4.44
C ASP A 388 9.66 -2.61 -3.25
N PHE A 389 9.35 -1.37 -3.57
CA PHE A 389 9.09 -0.36 -2.54
C PHE A 389 7.69 -0.45 -1.96
N HIS A 390 6.82 -1.27 -2.52
CA HIS A 390 5.44 -1.36 -2.05
C HIS A 390 5.28 -2.29 -0.84
N ALA A 391 6.34 -2.95 -0.42
CA ALA A 391 6.26 -3.81 0.76
C ALA A 391 6.13 -2.97 2.02
N ARG A 392 6.03 -3.64 3.17
CA ARG A 392 5.91 -2.92 4.44
C ARG A 392 7.12 -2.03 4.69
N VAL A 393 8.31 -2.54 4.44
CA VAL A 393 9.56 -1.80 4.61
C VAL A 393 10.14 -1.56 3.22
N PRO A 394 10.16 -0.33 2.72
CA PRO A 394 10.76 -0.07 1.40
C PRO A 394 12.24 -0.43 1.40
N VAL A 395 12.59 -1.38 0.53
CA VAL A 395 13.97 -1.83 0.39
C VAL A 395 14.29 -2.00 -1.09
N VAL A 396 15.58 -2.03 -1.40
CA VAL A 396 16.08 -2.25 -2.76
C VAL A 396 16.67 -3.64 -2.80
N VAL A 397 16.16 -4.47 -3.72
CA VAL A 397 16.59 -5.86 -3.85
C VAL A 397 17.65 -5.96 -4.93
N CYS A 398 18.79 -6.54 -4.58
CA CYS A 398 19.88 -6.74 -5.54
C CYS A 398 20.70 -7.94 -5.09
N ARG A 399 21.30 -8.61 -6.07
CA ARG A 399 22.11 -9.81 -5.83
C ARG A 399 23.57 -9.49 -6.08
N GLU A 400 24.42 -9.86 -5.13
CA GLU A 400 25.86 -9.67 -5.28
C GLU A 400 26.37 -10.51 -6.44
N LYS A 401 27.24 -9.92 -7.27
CA LYS A 401 27.74 -10.63 -8.44
C LYS A 401 28.71 -11.74 -8.06
N GLN A 402 29.60 -11.47 -7.10
CA GLN A 402 30.60 -12.47 -6.71
C GLN A 402 29.98 -13.57 -5.85
N SER A 403 29.44 -13.20 -4.69
CA SER A 403 28.89 -14.19 -3.77
C SER A 403 27.55 -14.74 -4.24
N GLY A 404 26.72 -13.90 -4.86
CA GLY A 404 25.39 -14.29 -5.27
C GLY A 404 24.33 -14.12 -4.20
N LEU A 405 24.67 -13.56 -3.05
CA LEU A 405 23.71 -13.37 -1.98
C LEU A 405 22.79 -12.19 -2.28
N LEU A 406 21.59 -12.24 -1.70
CA LEU A 406 20.60 -11.18 -1.87
C LEU A 406 20.80 -10.12 -0.81
N CYS A 407 20.90 -8.87 -1.22
CA CYS A 407 21.11 -7.74 -0.32
C CYS A 407 19.82 -6.93 -0.23
N LYS A 408 19.33 -6.76 1.00
CA LYS A 408 18.10 -5.99 1.26
C LYS A 408 18.52 -4.62 1.81
N VAL A 409 18.52 -3.63 0.94
CA VAL A 409 19.06 -2.29 1.29
C VAL A 409 17.87 -1.47 1.79
N SER A 410 17.64 -1.54 3.11
CA SER A 410 16.63 -0.70 3.74
C SER A 410 17.19 0.68 4.03
N ALA A 411 16.29 1.62 4.30
CA ALA A 411 16.66 3.01 4.62
C ALA A 411 15.86 3.50 5.81
N GLY A 412 16.54 4.11 6.77
CA GLY A 412 15.88 4.75 7.90
C GLY A 412 15.03 3.82 8.74
N ASN A 413 15.40 2.55 8.82
CA ASN A 413 14.70 1.56 9.65
C ASN A 413 15.46 1.40 10.97
N GLU A 414 15.30 2.38 11.86
CA GLU A 414 15.98 2.32 13.14
C GLU A 414 15.42 1.22 14.04
N ASN A 415 14.14 0.88 13.87
CA ASN A 415 13.54 -0.14 14.72
C ASN A 415 14.20 -1.50 14.52
N ALA A 416 14.49 -1.86 13.27
CA ALA A 416 15.13 -3.15 13.01
C ALA A 416 16.60 -3.12 13.40
N CYS A 417 17.27 -1.97 13.19
CA CYS A 417 18.69 -1.89 13.51
C CYS A 417 18.94 -2.09 15.00
N LEU A 418 18.16 -1.40 15.84
CA LEU A 418 18.34 -1.57 17.29
C LEU A 418 17.90 -2.95 17.75
N THR A 419 16.95 -3.57 17.04
CA THR A 419 16.52 -4.91 17.39
C THR A 419 17.67 -5.90 17.26
N THR A 420 18.49 -5.73 16.21
CA THR A 420 19.62 -6.64 16.00
C THR A 420 20.59 -6.59 17.17
N LYS A 421 20.82 -5.39 17.72
CA LYS A 421 21.72 -5.27 18.86
C LYS A 421 21.24 -6.09 20.04
N HIS A 422 19.94 -6.06 20.34
CA HIS A 422 19.40 -6.86 21.41
C HIS A 422 19.59 -8.35 21.14
N LEU A 423 19.29 -8.78 19.91
CA LEU A 423 19.52 -10.18 19.54
C LEU A 423 21.01 -10.52 19.56
N THR A 424 21.85 -9.62 19.05
CA THR A 424 23.28 -9.87 19.03
C THR A 424 23.84 -9.94 20.45
N ALA A 425 23.42 -9.04 21.32
CA ALA A 425 23.94 -9.02 22.68
C ALA A 425 23.58 -10.32 23.42
N LEU A 426 22.35 -10.79 23.28
CA LEU A 426 21.94 -12.01 23.95
C LEU A 426 22.73 -13.22 23.45
N GLY A 427 23.00 -13.28 22.16
CA GLY A 427 23.71 -14.43 21.61
C GLY A 427 25.09 -14.61 22.23
N LYS A 428 25.84 -13.52 22.31
CA LYS A 428 27.19 -13.60 22.90
C LYS A 428 27.12 -13.99 24.36
N LEU A 429 26.27 -13.31 25.14
CA LEU A 429 26.17 -13.61 26.56
C LEU A 429 25.63 -15.01 26.79
N GLU A 430 24.64 -15.42 26.00
CA GLU A 430 24.03 -16.74 26.14
C GLU A 430 24.51 -17.65 25.01
N PRO A 431 25.61 -18.39 25.21
CA PRO A 431 26.08 -19.28 24.13
C PRO A 431 25.07 -20.35 23.75
N LYS A 432 24.17 -20.73 24.65
CA LYS A 432 23.15 -21.73 24.34
C LYS A 432 22.03 -21.18 23.48
N LEU A 433 21.93 -19.85 23.33
CA LEU A 433 20.83 -19.28 22.56
C LEU A 433 21.01 -19.53 21.06
N VAL A 434 22.23 -19.34 20.54
CA VAL A 434 22.45 -19.47 19.10
C VAL A 434 22.11 -20.87 18.61
N PRO A 435 22.56 -21.96 19.27
CA PRO A 435 22.13 -23.28 18.81
C PRO A 435 20.61 -23.46 18.80
N LEU A 436 19.92 -22.89 19.79
CA LEU A 436 18.47 -23.05 19.86
C LEU A 436 17.79 -22.36 18.67
N VAL A 437 18.22 -21.14 18.36
CA VAL A 437 17.58 -20.39 17.27
C VAL A 437 17.86 -21.06 15.94
N ILE A 438 19.10 -21.46 15.70
CA ILE A 438 19.45 -22.09 14.42
C ILE A 438 18.67 -23.38 14.24
N ALA A 439 18.64 -24.23 15.27
CA ALA A 439 17.87 -25.46 15.19
C ALA A 439 16.38 -25.17 15.08
N PHE A 440 15.89 -24.20 15.85
CA PHE A 440 14.46 -23.88 15.79
C PHE A 440 14.08 -23.34 14.42
N ARG A 441 14.91 -22.46 13.84
CA ARG A 441 14.62 -21.93 12.53
C ARG A 441 14.75 -23.00 11.44
N TYR A 442 15.74 -23.88 11.58
CA TYR A 442 15.93 -24.92 10.58
C TYR A 442 14.72 -25.85 10.49
N TRP A 443 14.14 -26.21 11.64
CA TRP A 443 12.97 -27.08 11.63
C TRP A 443 11.82 -26.41 10.89
N ALA A 444 11.62 -25.11 11.09
CA ALA A 444 10.55 -24.40 10.39
C ALA A 444 10.76 -24.43 8.88
N LYS A 445 12.00 -24.26 8.44
CA LYS A 445 12.27 -24.26 7.01
C LYS A 445 11.86 -25.58 6.37
N LEU A 446 12.05 -26.68 7.08
CA LEU A 446 11.63 -27.98 6.56
C LEU A 446 10.13 -28.03 6.34
N CYS A 447 9.36 -27.46 7.26
CA CYS A 447 7.90 -27.43 7.17
C CYS A 447 7.38 -26.31 6.29
N SER A 448 8.25 -25.46 5.74
CA SER A 448 7.83 -24.33 4.91
C SER A 448 7.02 -23.33 5.72
N ILE A 449 7.56 -22.93 6.87
CA ILE A 449 6.91 -21.96 7.75
C ILE A 449 7.66 -20.64 7.81
N ASP A 450 8.88 -20.56 7.26
CA ASP A 450 9.72 -19.39 7.35
C ASP A 450 9.62 -18.46 6.15
N ARG A 451 8.63 -18.65 5.28
CA ARG A 451 8.52 -17.87 4.05
C ARG A 451 7.56 -16.71 4.26
N PRO A 452 8.02 -15.45 4.23
CA PRO A 452 7.07 -14.34 4.39
C PRO A 452 6.06 -14.23 3.26
N GLU A 453 6.50 -14.39 2.01
CA GLU A 453 5.60 -14.24 0.87
C GLU A 453 4.49 -15.29 0.91
N GLU A 454 4.82 -16.51 1.31
CA GLU A 454 3.83 -17.58 1.39
C GLU A 454 2.80 -17.35 2.48
N GLY A 455 3.04 -16.38 3.37
CA GLY A 455 2.24 -16.21 4.56
C GLY A 455 2.85 -16.79 5.81
N GLY A 456 4.00 -17.46 5.69
CA GLY A 456 4.67 -17.98 6.85
C GLY A 456 5.31 -16.90 7.68
N LEU A 457 5.65 -17.26 8.92
CA LEU A 457 6.20 -16.29 9.84
C LEU A 457 7.49 -15.69 9.30
N PRO A 458 7.71 -14.39 9.44
CA PRO A 458 8.99 -13.82 9.03
C PRO A 458 10.11 -14.35 9.90
N PRO A 459 11.34 -14.39 9.39
CA PRO A 459 12.42 -15.04 10.15
C PRO A 459 12.68 -14.40 11.51
N TYR A 460 12.48 -13.09 11.65
CA TYR A 460 12.79 -12.44 12.92
C TYR A 460 11.84 -12.86 14.03
N VAL A 461 10.63 -13.29 13.70
CA VAL A 461 9.68 -13.70 14.73
C VAL A 461 10.16 -14.96 15.44
N PHE A 462 10.95 -15.81 14.77
CA PHE A 462 11.37 -17.06 15.38
C PHE A 462 12.37 -16.82 16.51
N ALA A 463 13.16 -15.75 16.43
CA ALA A 463 14.10 -15.46 17.51
C ALA A 463 13.38 -15.15 18.81
N LEU A 464 12.27 -14.41 18.73
CA LEU A 464 11.54 -14.03 19.93
C LEU A 464 11.00 -15.26 20.65
N MET A 465 10.55 -16.27 19.90
CA MET A 465 9.98 -17.46 20.53
C MET A 465 11.00 -18.17 21.40
N ALA A 466 12.24 -18.31 20.90
CA ALA A 466 13.27 -18.96 21.69
C ALA A 466 13.63 -18.16 22.93
N ILE A 467 13.75 -16.84 22.80
CA ILE A 467 14.12 -16.01 23.94
C ILE A 467 13.04 -16.05 25.01
N PHE A 468 11.77 -15.96 24.60
CA PHE A 468 10.68 -15.97 25.57
C PHE A 468 10.60 -17.30 26.32
N PHE A 469 10.94 -18.41 25.66
CA PHE A 469 10.84 -19.71 26.31
C PHE A 469 11.76 -19.79 27.53
N LEU A 470 13.00 -19.29 27.40
CA LEU A 470 13.91 -19.32 28.52
C LEU A 470 13.40 -18.47 29.68
N GLN A 471 12.81 -17.32 29.38
CA GLN A 471 12.30 -16.45 30.42
C GLN A 471 11.18 -17.11 31.21
N GLN A 472 10.26 -17.79 30.51
CA GLN A 472 9.12 -18.39 31.19
C GLN A 472 9.53 -19.55 32.10
N ARG A 473 10.70 -20.13 31.88
CA ARG A 473 11.15 -21.22 32.74
C ARG A 473 11.23 -20.76 34.18
N LYS A 474 10.72 -21.59 35.09
CA LYS A 474 10.68 -21.22 36.50
C LYS A 474 12.08 -21.03 37.08
N GLU A 475 13.11 -21.56 36.42
CA GLU A 475 14.49 -21.26 36.74
C GLU A 475 15.04 -20.41 35.62
N PRO A 476 14.70 -19.11 35.57
CA PRO A 476 15.01 -18.31 34.38
C PRO A 476 16.51 -18.21 34.14
N LEU A 477 16.88 -18.24 32.86
CA LEU A 477 18.25 -17.96 32.43
C LEU A 477 18.44 -16.53 32.00
N LEU A 478 17.36 -15.78 31.79
CA LEU A 478 17.40 -14.39 31.37
C LEU A 478 16.53 -13.55 32.29
N PRO A 479 16.84 -12.26 32.46
CA PRO A 479 16.00 -11.39 33.27
C PRO A 479 14.94 -10.68 32.43
N VAL A 480 13.99 -10.07 33.14
CA VAL A 480 12.92 -9.29 32.54
C VAL A 480 13.26 -7.81 32.69
N TYR A 481 13.22 -7.09 31.58
CA TYR A 481 13.57 -5.66 31.61
C TYR A 481 12.45 -4.83 32.23
N LEU A 482 11.20 -5.25 32.03
CA LEU A 482 10.05 -4.60 32.64
C LEU A 482 9.41 -5.53 33.66
N GLY A 483 9.05 -4.98 34.82
CA GLY A 483 8.47 -5.78 35.88
C GLY A 483 7.82 -4.94 36.95
N SER A 484 7.15 -5.64 37.87
CA SER A 484 6.48 -4.97 38.98
C SER A 484 7.46 -4.26 39.89
N TRP A 485 8.72 -4.70 39.92
CA TRP A 485 9.72 -4.07 40.77
C TRP A 485 9.79 -2.56 40.54
N ILE A 486 9.60 -2.11 39.30
CA ILE A 486 9.67 -0.69 39.02
C ILE A 486 8.60 0.05 39.82
N GLU A 487 8.99 1.18 40.39
CA GLU A 487 8.07 1.98 41.19
C GLU A 487 6.88 2.43 40.34
N GLY A 488 5.68 2.25 40.87
CA GLY A 488 4.48 2.69 40.17
C GLY A 488 4.14 1.87 38.93
N PHE A 489 4.73 0.69 38.78
CA PHE A 489 4.46 -0.13 37.61
C PHE A 489 3.08 -0.77 37.71
N SER A 490 2.51 -1.08 36.55
CA SER A 490 1.21 -1.74 36.47
C SER A 490 0.99 -2.19 35.04
N LEU A 491 0.26 -3.31 34.90
CA LEU A 491 -0.01 -3.85 33.58
C LEU A 491 -0.93 -2.96 32.76
N SER A 492 -1.68 -2.07 33.40
CA SER A 492 -2.59 -1.21 32.66
C SER A 492 -1.84 -0.28 31.71
N LYS A 493 -0.74 0.30 32.17
CA LYS A 493 0.05 1.23 31.37
C LYS A 493 1.35 0.60 30.84
N LEU A 494 1.30 -0.70 30.51
CA LEU A 494 2.50 -1.36 30.00
C LEU A 494 2.94 -0.80 28.65
N GLY A 495 2.02 -0.21 27.89
CA GLY A 495 2.38 0.30 26.58
C GLY A 495 3.19 1.58 26.60
N ASN A 496 3.14 2.32 27.71
CA ASN A 496 3.89 3.57 27.79
C ASN A 496 5.40 3.33 27.84
N PHE A 497 5.82 2.25 28.50
CA PHE A 497 7.24 1.97 28.63
C PHE A 497 7.83 1.54 27.29
N ASN A 498 9.07 1.95 27.04
CA ASN A 498 9.76 1.63 25.80
C ASN A 498 11.26 1.52 26.05
N LEU A 499 11.89 0.56 25.39
CA LEU A 499 13.33 0.31 25.54
C LEU A 499 14.06 1.16 24.51
N GLN A 500 14.71 2.24 24.99
CA GLN A 500 15.34 3.18 24.07
C GLN A 500 16.52 2.54 23.34
N ASP A 501 17.43 1.93 24.08
CA ASP A 501 18.67 1.41 23.51
C ASP A 501 19.41 0.62 24.58
N ILE A 502 20.40 -0.16 24.13
CA ILE A 502 21.25 -0.96 25.01
C ILE A 502 22.66 -0.40 24.93
N GLU A 503 23.29 -0.25 26.10
CA GLU A 503 24.65 0.28 26.19
C GLU A 503 25.39 -0.43 27.31
N LYS A 504 26.62 -0.85 27.01
CA LYS A 504 27.49 -1.47 28.02
C LYS A 504 26.81 -2.65 28.70
N ASP A 505 26.23 -3.55 27.90
CA ASP A 505 25.57 -4.74 28.41
C ASP A 505 24.50 -4.39 29.44
N VAL A 506 23.74 -3.33 29.16
CA VAL A 506 22.67 -2.90 30.06
C VAL A 506 21.56 -2.26 29.23
N VAL A 507 20.34 -2.77 29.36
CA VAL A 507 19.20 -2.22 28.65
C VAL A 507 18.76 -0.93 29.31
N ILE A 508 18.32 0.03 28.50
CA ILE A 508 17.83 1.31 28.98
C ILE A 508 16.38 1.46 28.53
N TRP A 509 15.50 1.83 29.46
CA TRP A 509 14.09 2.03 29.18
C TRP A 509 13.65 3.38 29.71
N GLU A 510 12.60 3.91 29.09
CA GLU A 510 12.03 5.21 29.48
C GLU A 510 10.52 5.10 29.56
N HIS A 511 9.92 5.97 30.37
CA HIS A 511 8.48 6.00 30.57
C HIS A 511 7.97 7.41 30.30
N THR A 512 6.72 7.48 29.86
CA THR A 512 6.09 8.76 29.55
C THR A 512 4.65 8.80 30.08
N ARG A 528 16.28 14.47 22.66
CA ARG A 528 16.04 15.41 23.76
C ARG A 528 15.77 14.68 25.07
N GLU A 529 16.61 14.94 26.07
CA GLU A 529 16.46 14.33 27.37
C GLU A 529 15.41 15.08 28.19
N THR A 530 14.56 14.34 28.87
CA THR A 530 13.47 14.91 29.65
C THR A 530 13.48 14.33 31.06
N PRO A 531 12.99 15.10 32.05
CA PRO A 531 12.98 14.62 33.44
C PRO A 531 11.78 13.74 33.77
N ILE A 532 11.87 12.47 33.35
CA ILE A 532 10.81 11.49 33.56
C ILE A 532 11.45 10.23 34.13
N LYS A 533 10.60 9.36 34.68
CA LYS A 533 11.07 8.12 35.29
C LYS A 533 11.92 7.33 34.30
N ARG A 534 13.07 6.85 34.77
CA ARG A 534 14.00 6.11 33.95
C ARG A 534 14.70 5.06 34.80
N GLY A 535 15.13 3.98 34.15
CA GLY A 535 15.80 2.90 34.85
C GLY A 535 16.59 2.04 33.90
N GLN A 536 17.36 1.12 34.46
CA GLN A 536 18.20 0.21 33.70
C GLN A 536 18.10 -1.19 34.27
N VAL A 537 18.22 -2.18 33.40
CA VAL A 537 18.18 -3.58 33.78
C VAL A 537 19.27 -4.33 33.02
N SER A 538 19.96 -5.23 33.71
CA SER A 538 21.02 -6.01 33.09
C SER A 538 20.44 -7.04 32.13
N LEU A 539 21.26 -7.43 31.14
CA LEU A 539 20.82 -8.38 30.13
C LEU A 539 20.89 -9.83 30.60
N ILE A 540 21.62 -10.10 31.68
CA ILE A 540 21.85 -11.46 32.14
C ILE A 540 21.60 -11.51 33.64
N LEU A 541 20.93 -12.57 34.09
CA LEU A 541 20.73 -12.79 35.52
C LEU A 541 22.08 -13.09 36.18
N ASP A 542 22.35 -12.40 37.29
CA ASP A 542 23.63 -12.53 37.98
C ASP A 542 23.54 -13.72 38.95
N VAL A 543 23.80 -14.90 38.41
CA VAL A 543 23.81 -16.15 39.17
C VAL A 543 25.18 -16.78 39.04
N LYS A 544 25.79 -17.12 40.18
CA LYS A 544 27.14 -17.65 40.22
C LYS A 544 27.21 -19.17 40.27
N HIS A 545 26.10 -19.84 40.60
CA HIS A 545 26.13 -21.29 40.77
C HIS A 545 24.93 -21.97 40.11
N GLN A 546 24.42 -21.39 39.02
CA GLN A 546 23.32 -22.02 38.31
C GLN A 546 23.79 -23.32 37.65
N PRO A 547 22.97 -24.36 37.63
CA PRO A 547 23.39 -25.60 36.98
C PRO A 547 23.65 -25.39 35.50
N SER A 548 24.69 -26.06 34.99
CA SER A 548 25.03 -26.00 33.56
C SER A 548 24.27 -27.11 32.82
N VAL A 549 22.97 -26.89 32.68
CA VAL A 549 22.08 -27.87 32.07
C VAL A 549 22.42 -28.00 30.59
N PRO A 550 22.24 -29.17 29.98
CA PRO A 550 22.52 -29.31 28.54
C PRO A 550 21.58 -28.44 27.71
N VAL A 551 22.10 -27.99 26.56
CA VAL A 551 21.29 -27.18 25.66
C VAL A 551 20.20 -28.02 25.00
N GLY A 552 20.43 -29.34 24.87
CA GLY A 552 19.43 -30.19 24.24
C GLY A 552 18.11 -30.19 24.98
N GLN A 553 18.16 -30.13 26.32
CA GLN A 553 16.94 -30.14 27.10
C GLN A 553 16.08 -28.91 26.78
N LEU A 554 16.71 -27.75 26.60
CA LEU A 554 15.96 -26.54 26.30
C LEU A 554 15.20 -26.67 24.98
N TRP A 555 15.86 -27.23 23.96
CA TRP A 555 15.20 -27.39 22.66
C TRP A 555 13.99 -28.30 22.77
N VAL A 556 14.13 -29.42 23.48
CA VAL A 556 13.01 -30.33 23.65
C VAL A 556 11.93 -29.70 24.52
N GLU A 557 12.33 -29.04 25.61
CA GLU A 557 11.36 -28.39 26.48
C GLU A 557 10.65 -27.24 25.77
N LEU A 558 11.31 -26.61 24.81
CA LEU A 558 10.68 -25.54 24.05
C LEU A 558 9.46 -26.07 23.29
N LEU A 559 9.59 -27.24 22.67
CA LEU A 559 8.46 -27.84 21.97
C LEU A 559 7.33 -28.15 22.94
N ARG A 560 7.66 -28.66 24.13
CA ARG A 560 6.63 -29.02 25.10
C ARG A 560 5.86 -27.80 25.58
N PHE A 561 6.57 -26.70 25.87
CA PHE A 561 5.90 -25.53 26.43
C PHE A 561 4.88 -24.94 25.45
N TYR A 562 5.25 -24.82 24.19
CA TYR A 562 4.39 -24.20 23.19
C TYR A 562 3.39 -25.17 22.57
N ALA A 563 3.42 -26.44 22.96
CA ALA A 563 2.51 -27.44 22.42
C ALA A 563 1.46 -27.91 23.41
N LEU A 564 1.77 -27.91 24.70
CA LEU A 564 0.84 -28.39 25.72
C LEU A 564 0.61 -27.41 26.85
N GLU A 565 1.63 -26.64 27.24
CA GLU A 565 1.51 -25.76 28.40
C GLU A 565 1.04 -24.36 28.01
N PHE A 566 1.78 -23.68 27.16
CA PHE A 566 1.44 -22.31 26.79
C PHE A 566 0.31 -22.30 25.77
N ASN A 567 -0.70 -21.48 26.02
CA ASN A 567 -1.84 -21.33 25.12
C ASN A 567 -1.48 -20.30 24.05
N LEU A 568 -1.24 -20.76 22.83
CA LEU A 568 -0.86 -19.87 21.74
C LEU A 568 -2.06 -19.17 21.11
N ALA A 569 -3.28 -19.53 21.49
CA ALA A 569 -4.48 -18.96 20.87
C ALA A 569 -5.09 -17.83 21.68
N ASP A 570 -4.79 -17.72 22.97
CA ASP A 570 -5.40 -16.71 23.82
C ASP A 570 -4.38 -16.03 24.73
N LEU A 571 -3.15 -15.89 24.26
CA LEU A 571 -2.11 -15.21 25.05
C LEU A 571 -1.14 -14.54 24.10
N VAL A 572 -0.42 -13.55 24.64
CA VAL A 572 0.52 -12.74 23.87
C VAL A 572 1.92 -13.01 24.40
N ILE A 573 2.86 -13.22 23.49
CA ILE A 573 4.25 -13.45 23.84
C ILE A 573 4.95 -12.10 23.98
N SER A 574 5.56 -11.86 25.13
CA SER A 574 6.26 -10.61 25.38
C SER A 574 7.47 -10.90 26.27
N ILE A 575 8.67 -10.60 25.77
CA ILE A 575 9.89 -10.86 26.52
C ILE A 575 10.22 -9.75 27.51
N ARG A 576 9.38 -8.72 27.62
CA ARG A 576 9.65 -7.60 28.51
C ARG A 576 9.17 -7.85 29.93
N VAL A 577 8.08 -8.58 30.11
CA VAL A 577 7.50 -8.83 31.42
C VAL A 577 7.27 -10.31 31.60
N LYS A 578 7.21 -10.73 32.86
CA LYS A 578 6.99 -12.15 33.18
C LYS A 578 5.50 -12.50 33.19
N GLU A 579 4.64 -11.57 33.61
CA GLU A 579 3.22 -11.86 33.69
C GLU A 579 2.65 -12.13 32.31
N LEU A 580 1.69 -13.05 32.24
CA LEU A 580 1.06 -13.39 30.98
C LEU A 580 0.20 -12.22 30.51
N VAL A 581 0.40 -11.82 29.25
CA VAL A 581 -0.34 -10.72 28.65
C VAL A 581 -1.41 -11.32 27.75
N SER A 582 -2.67 -11.01 28.02
CA SER A 582 -3.78 -11.52 27.24
C SER A 582 -4.10 -10.56 26.09
N ARG A 583 -4.84 -11.09 25.11
CA ARG A 583 -5.22 -10.28 23.96
C ARG A 583 -6.14 -9.13 24.33
N GLU A 584 -6.87 -9.25 25.44
CA GLU A 584 -7.79 -8.19 25.84
C GLU A 584 -7.05 -6.89 26.14
N LEU A 585 -5.91 -6.98 26.82
CA LEU A 585 -5.16 -5.78 27.18
C LEU A 585 -4.74 -5.00 25.94
N LYS A 586 -4.21 -5.71 24.94
CA LYS A 586 -3.80 -5.06 23.70
C LYS A 586 -4.94 -4.88 22.71
N ASP A 587 -6.11 -5.47 22.99
CA ASP A 587 -7.28 -5.37 22.11
C ASP A 587 -6.97 -5.92 20.72
N TRP A 588 -6.61 -7.20 20.69
CA TRP A 588 -6.27 -7.92 19.48
C TRP A 588 -7.09 -9.19 19.39
N PRO A 589 -7.28 -9.72 18.18
CA PRO A 589 -8.03 -10.97 18.05
C PRO A 589 -7.37 -12.13 18.78
N LYS A 590 -8.19 -13.12 19.12
CA LYS A 590 -7.73 -14.37 19.70
C LYS A 590 -7.73 -15.50 18.66
N LYS A 591 -7.92 -15.16 17.38
CA LYS A 591 -8.01 -16.17 16.33
C LYS A 591 -6.67 -16.83 16.06
N ARG A 592 -5.59 -16.06 16.03
CA ARG A 592 -4.28 -16.56 15.60
C ARG A 592 -3.20 -16.07 16.56
N ILE A 593 -2.00 -16.62 16.37
CA ILE A 593 -0.88 -16.32 17.25
C ILE A 593 -0.58 -14.83 17.24
N ALA A 594 -0.12 -14.32 18.38
CA ALA A 594 0.29 -12.93 18.54
C ALA A 594 1.65 -12.89 19.22
N ILE A 595 2.57 -12.11 18.66
CA ILE A 595 3.91 -11.94 19.21
C ILE A 595 4.26 -10.46 19.22
N GLU A 596 5.07 -10.07 20.20
CA GLU A 596 5.43 -8.66 20.41
C GLU A 596 6.95 -8.51 20.34
N ASP A 597 7.40 -7.49 19.62
CA ASP A 597 8.82 -7.14 19.56
C ASP A 597 9.17 -6.21 20.73
N PRO A 598 10.35 -6.36 21.34
CA PRO A 598 10.67 -5.52 22.50
C PRO A 598 10.72 -4.04 22.19
N TYR A 599 11.51 -3.64 21.18
CA TYR A 599 11.65 -2.22 20.87
C TYR A 599 10.38 -1.68 20.23
N SER A 600 9.76 -2.46 19.35
CA SER A 600 8.52 -2.06 18.68
C SER A 600 7.35 -2.58 19.52
N VAL A 601 6.71 -1.67 20.26
CA VAL A 601 5.61 -2.04 21.14
C VAL A 601 4.29 -2.18 20.40
N LYS A 602 4.25 -1.87 19.11
CA LYS A 602 3.05 -2.00 18.30
C LYS A 602 3.16 -3.13 17.28
N ARG A 603 4.24 -3.89 17.31
CA ARG A 603 4.46 -4.95 16.33
C ARG A 603 3.46 -6.08 16.55
N ASN A 604 2.75 -6.45 15.49
CA ASN A 604 1.76 -7.52 15.53
C ASN A 604 2.09 -8.55 14.47
N VAL A 605 2.16 -9.82 14.87
CA VAL A 605 2.40 -10.91 13.92
C VAL A 605 1.11 -11.35 13.23
N ALA A 606 -0.05 -10.92 13.73
CA ALA A 606 -1.30 -11.23 13.06
C ALA A 606 -1.34 -10.66 11.66
N ARG A 607 -0.72 -9.49 11.46
CA ARG A 607 -0.68 -8.88 10.14
C ARG A 607 0.02 -9.80 9.14
N THR A 608 1.14 -10.38 9.53
CA THR A 608 1.86 -11.30 8.65
C THR A 608 1.08 -12.61 8.50
N LEU A 609 0.54 -13.12 9.60
CA LEU A 609 -0.17 -14.40 9.62
C LEU A 609 -1.67 -14.13 9.69
N ASN A 610 -2.33 -14.12 8.54
CA ASN A 610 -3.78 -13.97 8.47
C ASN A 610 -4.51 -15.27 8.19
N SER A 611 -3.88 -16.22 7.53
CA SER A 611 -4.53 -17.46 7.17
C SER A 611 -4.63 -18.39 8.39
N GLN A 612 -5.76 -19.10 8.47
CA GLN A 612 -6.00 -19.99 9.60
C GLN A 612 -5.28 -21.33 9.46
N PRO A 613 -5.35 -21.99 8.31
CA PRO A 613 -4.68 -23.31 8.20
C PRO A 613 -3.20 -23.24 8.51
N VAL A 614 -2.53 -22.15 8.17
CA VAL A 614 -1.12 -22.00 8.50
C VAL A 614 -0.93 -21.90 10.01
N PHE A 615 -1.86 -21.26 10.71
CA PHE A 615 -1.74 -21.14 12.16
C PHE A 615 -1.76 -22.50 12.82
N GLU A 616 -2.73 -23.34 12.46
CA GLU A 616 -2.75 -24.71 12.97
C GLU A 616 -1.57 -25.50 12.45
N TYR A 617 -1.06 -25.17 11.26
CA TYR A 617 0.11 -25.85 10.73
C TYR A 617 1.32 -25.61 11.63
N ILE A 618 1.48 -24.39 12.15
CA ILE A 618 2.60 -24.09 13.03
C ILE A 618 2.54 -24.97 14.27
N LEU A 619 1.35 -25.09 14.87
CA LEU A 619 1.19 -25.96 16.03
C LEU A 619 1.35 -27.43 15.66
N HIS A 620 1.07 -27.78 14.40
CA HIS A 620 1.15 -29.17 13.99
C HIS A 620 2.61 -29.63 13.88
N CYS A 621 3.43 -28.90 13.13
CA CYS A 621 4.81 -29.30 12.94
C CYS A 621 5.57 -29.32 14.26
N LEU A 622 5.33 -28.32 15.12
CA LEU A 622 6.01 -28.29 16.41
C LEU A 622 5.69 -29.53 17.23
N ARG A 623 4.44 -30.01 17.16
CA ARG A 623 4.06 -31.19 17.92
C ARG A 623 4.81 -32.43 17.43
N THR A 624 4.97 -32.56 16.10
CA THR A 624 5.66 -33.72 15.57
C THR A 624 7.10 -33.79 16.06
N THR A 625 7.79 -32.64 16.09
CA THR A 625 9.18 -32.63 16.56
C THR A 625 9.26 -33.01 18.03
N TYR A 626 8.23 -32.72 18.82
CA TYR A 626 8.22 -33.05 20.23
C TYR A 626 8.25 -34.57 20.43
N LEU A 987 -3.98 -11.23 -23.35
CA LEU A 987 -4.31 -10.28 -24.41
C LEU A 987 -3.60 -10.65 -25.70
N GLU A 988 -4.28 -11.45 -26.53
CA GLU A 988 -3.70 -11.90 -27.78
C GLU A 988 -3.71 -10.77 -28.82
N PRO A 989 -2.86 -10.86 -29.84
CA PRO A 989 -2.86 -9.82 -30.88
C PRO A 989 -4.19 -9.76 -31.62
N LEU A 990 -4.53 -8.58 -32.09
CA LEU A 990 -5.77 -8.32 -32.79
C LEU A 990 -5.52 -7.96 -34.25
N PRO A 991 -6.52 -8.09 -35.12
CA PRO A 991 -6.31 -7.83 -36.55
C PRO A 991 -6.06 -6.35 -36.80
N PRO A 992 -5.39 -6.02 -37.91
CA PRO A 992 -5.12 -4.60 -38.20
C PRO A 992 -6.40 -3.85 -38.51
N LEU A 993 -6.38 -2.56 -38.16
CA LEU A 993 -7.53 -1.69 -38.44
C LEU A 993 -7.60 -1.35 -39.92
N THR A 994 -8.80 -1.00 -40.36
CA THR A 994 -9.08 -0.64 -41.74
C THR A 994 -9.64 0.78 -41.80
N PRO A 995 -9.52 1.46 -42.95
CA PRO A 995 -9.97 2.85 -43.04
C PRO A 995 -11.48 2.99 -42.88
N LYS A 996 -12.24 2.14 -43.58
CA LYS A 996 -13.70 2.24 -43.52
C LYS A 996 -14.21 1.92 -42.12
N PHE A 997 -13.61 0.93 -41.45
CA PHE A 997 -14.01 0.65 -40.08
C PHE A 997 -13.64 1.79 -39.15
N LEU A 998 -12.52 2.47 -39.41
CA LEU A 998 -12.20 3.67 -38.64
C LEU A 998 -13.25 4.76 -38.85
N ASN A 999 -13.72 4.93 -40.08
CA ASN A 999 -14.78 5.89 -40.34
C ASN A 999 -16.06 5.50 -39.61
N ILE A 1000 -16.37 4.21 -39.58
CA ILE A 1000 -17.54 3.74 -38.83
C ILE A 1000 -17.38 4.05 -37.35
N LEU A 1001 -16.18 3.85 -36.81
CA LEU A 1001 -15.94 4.18 -35.41
C LEU A 1001 -16.14 5.67 -35.15
N ASP A 1002 -15.64 6.51 -36.06
CA ASP A 1002 -15.84 7.95 -35.89
C ASP A 1002 -17.32 8.30 -35.94
N GLN A 1003 -18.05 7.73 -36.89
CA GLN A 1003 -19.48 8.00 -37.01
C GLN A 1003 -20.22 7.58 -35.74
N VAL A 1004 -19.91 6.40 -35.22
CA VAL A 1004 -20.62 5.92 -34.03
C VAL A 1004 -20.29 6.79 -32.84
N CYS A 1005 -19.03 7.22 -32.68
CA CYS A 1005 -18.69 8.09 -31.56
C CYS A 1005 -19.43 9.42 -31.64
N ILE A 1006 -19.46 10.02 -32.83
CA ILE A 1006 -20.18 11.28 -33.00
C ILE A 1006 -21.67 11.07 -32.71
N GLN A 1007 -22.21 9.92 -33.12
CA GLN A 1007 -23.60 9.63 -32.83
C GLN A 1007 -23.84 9.52 -31.33
N CYS A 1008 -22.92 8.88 -30.61
CA CYS A 1008 -23.05 8.77 -29.15
C CYS A 1008 -23.04 10.15 -28.50
N TYR A 1009 -22.24 11.06 -29.03
CA TYR A 1009 -22.31 12.43 -28.50
C TYR A 1009 -23.68 13.03 -28.77
N LYS A 1010 -24.15 12.94 -30.02
CA LYS A 1010 -25.33 13.71 -30.41
C LYS A 1010 -26.64 13.12 -29.90
N ASP A 1011 -26.70 11.85 -29.51
CA ASP A 1011 -27.99 11.32 -29.05
C ASP A 1011 -28.21 11.65 -27.57
N PHE A 1012 -27.16 11.53 -26.77
CA PHE A 1012 -27.27 11.60 -25.32
C PHE A 1012 -27.04 13.00 -24.77
N SER A 1013 -26.81 13.99 -25.64
CA SER A 1013 -26.52 15.34 -25.16
C SER A 1013 -27.82 16.02 -24.73
N PRO A 1014 -27.93 16.47 -23.47
CA PRO A 1014 -29.14 17.21 -23.08
C PRO A 1014 -29.33 18.45 -23.94
N THR A 1015 -30.60 18.73 -24.25
CA THR A 1015 -30.95 19.87 -25.07
C THR A 1015 -31.23 21.09 -24.20
N ILE A 1016 -31.52 22.22 -24.85
CA ILE A 1016 -31.72 23.47 -24.13
C ILE A 1016 -32.94 23.39 -23.22
N ILE A 1017 -33.99 22.69 -23.67
CA ILE A 1017 -35.17 22.52 -22.82
C ILE A 1017 -34.81 21.77 -21.54
N GLU A 1018 -33.86 20.84 -21.62
CA GLU A 1018 -33.42 20.12 -20.44
C GLU A 1018 -32.58 20.99 -19.51
N ASP A 1019 -31.69 21.83 -20.07
CA ASP A 1019 -30.91 22.72 -19.23
C ASP A 1019 -31.78 23.75 -18.53
N GLN A 1020 -32.76 24.33 -19.25
CA GLN A 1020 -33.66 25.27 -18.61
C GLN A 1020 -34.54 24.58 -17.56
N ALA A 1021 -34.91 23.31 -17.80
CA ALA A 1021 -35.63 22.57 -16.77
C ALA A 1021 -34.77 22.37 -15.53
N ARG A 1022 -33.48 22.05 -15.70
CA ARG A 1022 -32.58 21.98 -14.55
C ARG A 1022 -32.48 23.31 -13.82
N GLU A 1023 -32.38 24.41 -14.56
CA GLU A 1023 -32.32 25.73 -13.92
C GLU A 1023 -33.59 26.00 -13.13
N HIS A 1024 -34.74 25.64 -13.68
CA HIS A 1024 -36.01 25.82 -12.98
C HIS A 1024 -36.05 24.98 -11.70
N ILE A 1025 -35.56 23.75 -11.77
CA ILE A 1025 -35.50 22.91 -10.58
C ILE A 1025 -34.61 23.54 -9.52
N ARG A 1026 -33.46 24.07 -9.93
CA ARG A 1026 -32.56 24.72 -8.99
C ARG A 1026 -33.24 25.92 -8.34
N GLN A 1027 -33.97 26.72 -9.13
CA GLN A 1027 -34.68 27.87 -8.58
C GLN A 1027 -35.73 27.44 -7.56
N ASN A 1028 -36.49 26.40 -7.90
CA ASN A 1028 -37.53 25.92 -6.98
C ASN A 1028 -36.92 25.46 -5.67
N LEU A 1029 -35.85 24.65 -5.75
CA LEU A 1029 -35.21 24.16 -4.54
C LEU A 1029 -34.63 25.32 -3.72
N GLU A 1030 -34.01 26.29 -4.39
CA GLU A 1030 -33.46 27.44 -3.69
C GLU A 1030 -34.56 28.17 -2.92
N SER A 1031 -35.68 28.45 -3.59
CA SER A 1031 -36.76 29.17 -2.91
C SER A 1031 -37.32 28.36 -1.75
N PHE A 1032 -37.54 27.06 -1.95
CA PHE A 1032 -38.13 26.25 -0.90
C PHE A 1032 -37.22 26.19 0.33
N ILE A 1033 -35.91 26.02 0.11
CA ILE A 1033 -34.99 26.00 1.25
C ILE A 1033 -34.89 27.39 1.87
N ARG A 1034 -35.04 28.44 1.06
CA ARG A 1034 -35.00 29.80 1.60
C ARG A 1034 -36.20 30.05 2.51
N GLN A 1035 -37.33 29.39 2.25
CA GLN A 1035 -38.50 29.59 3.10
C GLN A 1035 -38.18 29.32 4.57
N ASP A 1036 -37.48 28.22 4.84
CA ASP A 1036 -37.09 27.87 6.20
C ASP A 1036 -35.69 28.35 6.54
N PHE A 1037 -34.78 28.38 5.58
CA PHE A 1037 -33.39 28.77 5.79
C PHE A 1037 -33.07 29.92 4.85
N PRO A 1038 -33.52 31.14 5.18
CA PRO A 1038 -33.25 32.28 4.31
C PRO A 1038 -31.76 32.56 4.17
N GLY A 1039 -31.38 33.09 3.01
CA GLY A 1039 -29.99 33.35 2.71
C GLY A 1039 -29.25 32.20 2.07
N THR A 1040 -29.91 31.07 1.84
CA THR A 1040 -29.25 29.93 1.23
C THR A 1040 -28.87 30.24 -0.22
N LYS A 1041 -27.82 29.58 -0.69
CA LYS A 1041 -27.35 29.72 -2.07
C LYS A 1041 -27.02 28.34 -2.61
N LEU A 1042 -27.77 27.90 -3.61
CA LEU A 1042 -27.57 26.59 -4.23
C LEU A 1042 -26.80 26.74 -5.54
N SER A 1043 -26.05 25.69 -5.88
CA SER A 1043 -25.26 25.68 -7.10
C SER A 1043 -25.16 24.25 -7.60
N LEU A 1044 -25.60 24.02 -8.83
CA LEU A 1044 -25.52 22.69 -9.42
C LEU A 1044 -24.08 22.33 -9.75
N PHE A 1045 -23.82 21.02 -9.83
CA PHE A 1045 -22.51 20.53 -10.19
C PHE A 1045 -22.64 19.09 -10.66
N GLY A 1046 -21.53 18.55 -11.16
CA GLY A 1046 -21.50 17.19 -11.65
C GLY A 1046 -21.55 17.11 -13.17
N SER A 1047 -22.15 16.03 -13.69
CA SER A 1047 -22.20 15.85 -15.14
C SER A 1047 -22.98 16.97 -15.82
N SER A 1048 -23.90 17.61 -15.11
CA SER A 1048 -24.75 18.63 -15.71
C SER A 1048 -23.92 19.77 -16.27
N LYS A 1049 -22.94 20.26 -15.51
CA LYS A 1049 -22.22 21.47 -15.86
C LYS A 1049 -20.70 21.27 -15.90
N ASN A 1050 -20.23 20.03 -16.08
CA ASN A 1050 -18.81 19.76 -16.22
C ASN A 1050 -18.34 19.75 -17.66
N GLY A 1051 -19.20 20.17 -18.60
CA GLY A 1051 -18.89 20.09 -20.01
C GLY A 1051 -19.13 18.72 -20.62
N PHE A 1052 -19.62 17.76 -19.85
CA PHE A 1052 -19.94 16.42 -20.34
C PHE A 1052 -21.36 16.08 -19.93
N GLY A 1053 -22.31 16.47 -20.77
CA GLY A 1053 -23.72 16.26 -20.47
C GLY A 1053 -24.10 14.79 -20.54
N PHE A 1054 -25.26 14.50 -19.96
CA PHE A 1054 -25.79 13.13 -19.99
C PHE A 1054 -27.26 13.12 -19.60
N LYS A 1055 -28.09 12.48 -20.41
CA LYS A 1055 -29.51 12.38 -20.11
C LYS A 1055 -29.75 11.44 -18.94
N GLN A 1056 -30.93 11.59 -18.32
CA GLN A 1056 -31.33 10.81 -17.16
C GLN A 1056 -30.17 10.66 -16.16
N SER A 1057 -29.44 11.75 -15.93
CA SER A 1057 -28.30 11.77 -15.04
C SER A 1057 -28.67 12.43 -13.71
N ASP A 1058 -27.97 12.02 -12.65
CA ASP A 1058 -28.22 12.59 -11.33
C ASP A 1058 -27.87 14.07 -11.32
N LEU A 1059 -28.66 14.85 -10.60
CA LEU A 1059 -28.47 16.30 -10.49
C LEU A 1059 -27.78 16.58 -9.16
N ASP A 1060 -26.48 16.86 -9.21
CA ASP A 1060 -25.70 17.14 -8.01
C ASP A 1060 -25.73 18.64 -7.71
N VAL A 1061 -26.05 18.99 -6.47
CA VAL A 1061 -26.15 20.37 -6.05
C VAL A 1061 -25.41 20.54 -4.73
N CYS A 1062 -24.81 21.71 -4.56
CA CYS A 1062 -24.03 22.04 -3.37
C CYS A 1062 -24.76 23.10 -2.56
N MET A 1063 -25.16 22.75 -1.34
CA MET A 1063 -25.79 23.70 -0.43
C MET A 1063 -24.76 24.65 0.15
N THR A 1064 -25.11 25.93 0.23
CA THR A 1064 -24.28 26.94 0.87
C THR A 1064 -25.17 28.03 1.43
N ILE A 1065 -24.81 28.54 2.60
CA ILE A 1065 -25.56 29.58 3.29
C ILE A 1065 -24.71 30.84 3.32
N ASN A 1066 -25.31 31.97 2.91
CA ASN A 1066 -24.61 33.24 2.92
C ASN A 1066 -24.34 33.70 4.35
N GLY A 1067 -23.20 34.36 4.54
CA GLY A 1067 -22.82 34.85 5.84
C GLY A 1067 -22.23 33.83 6.78
N LEU A 1068 -21.85 32.66 6.28
CA LEU A 1068 -21.27 31.62 7.12
C LEU A 1068 -20.10 30.95 6.42
N ILE A 1080 -27.91 17.66 7.77
CA ILE A 1080 -28.50 16.76 6.78
C ILE A 1080 -29.87 16.28 7.27
N GLU A 1081 -29.94 15.87 8.54
CA GLU A 1081 -31.19 15.40 9.10
C GLU A 1081 -32.24 16.50 9.10
N GLU A 1082 -31.85 17.71 9.52
CA GLU A 1082 -32.79 18.83 9.51
C GLU A 1082 -33.23 19.19 8.09
N LEU A 1083 -32.28 19.15 7.15
CA LEU A 1083 -32.61 19.49 5.77
C LEU A 1083 -33.62 18.50 5.19
N ALA A 1084 -33.46 17.20 5.49
CA ALA A 1084 -34.34 16.19 4.92
C ALA A 1084 -35.79 16.42 5.35
N ARG A 1085 -36.00 16.78 6.63
CA ARG A 1085 -37.36 16.97 7.12
C ARG A 1085 -38.09 18.07 6.34
N VAL A 1086 -37.36 19.13 5.96
CA VAL A 1086 -37.98 20.23 5.23
C VAL A 1086 -38.50 19.75 3.88
N LEU A 1087 -37.70 18.94 3.18
CA LEU A 1087 -38.08 18.49 1.84
C LEU A 1087 -39.36 17.67 1.87
N ARG A 1088 -39.64 16.98 2.98
CA ARG A 1088 -40.87 16.20 3.08
C ARG A 1088 -42.10 17.08 2.97
N LYS A 1089 -41.99 18.36 3.35
CA LYS A 1089 -43.15 19.24 3.31
C LYS A 1089 -43.62 19.50 1.88
N HIS A 1090 -42.69 19.60 0.92
CA HIS A 1090 -43.06 19.97 -0.43
C HIS A 1090 -43.67 18.76 -1.13
N SER A 1091 -44.85 18.94 -1.71
CA SER A 1091 -45.61 17.80 -2.23
C SER A 1091 -44.89 17.12 -3.39
N GLY A 1092 -44.23 17.90 -4.25
CA GLY A 1092 -43.69 17.36 -5.49
C GLY A 1092 -42.55 16.37 -5.30
N LEU A 1093 -41.80 16.49 -4.21
CA LEU A 1093 -40.75 15.52 -3.91
C LEU A 1093 -41.25 14.49 -2.90
N HIS A 1111 -37.96 13.75 -8.31
CA HIS A 1111 -38.82 14.82 -8.78
C HIS A 1111 -39.88 14.28 -9.74
N LEU A 1112 -41.16 14.43 -9.36
CA LEU A 1112 -42.24 13.92 -10.20
C LEU A 1112 -42.27 14.60 -11.55
N ARG A 1113 -42.08 15.93 -11.58
CA ARG A 1113 -42.17 16.66 -12.83
C ARG A 1113 -41.06 16.25 -13.80
N SER A 1114 -39.82 16.20 -13.31
CA SER A 1114 -38.68 15.88 -14.16
C SER A 1114 -38.36 14.38 -14.17
N GLY A 1115 -38.62 13.68 -13.07
CA GLY A 1115 -38.33 12.27 -13.00
C GLY A 1115 -36.88 11.93 -12.76
N LEU A 1116 -36.05 12.90 -12.40
CA LEU A 1116 -34.64 12.66 -12.16
C LEU A 1116 -34.37 12.39 -10.68
N LEU A 1122 -23.44 19.54 1.11
CA LEU A 1122 -23.22 20.73 1.92
C LEU A 1122 -21.80 21.25 1.75
N TYR A 1123 -21.67 22.41 1.08
CA TYR A 1123 -20.38 23.05 0.87
C TYR A 1123 -19.42 22.13 0.10
N ASN A 1124 -19.85 21.77 -1.11
CA ASN A 1124 -19.04 20.91 -2.00
C ASN A 1124 -18.27 21.80 -2.98
N THR A 1125 -17.28 22.51 -2.43
CA THR A 1125 -16.52 23.46 -3.23
C THR A 1125 -15.58 22.75 -4.20
N LEU A 1126 -14.89 21.71 -3.73
CA LEU A 1126 -13.96 20.99 -4.59
C LEU A 1126 -14.68 20.39 -5.79
N ALA A 1127 -15.92 19.94 -5.60
CA ALA A 1127 -16.70 19.42 -6.71
C ALA A 1127 -16.93 20.51 -7.77
N LEU A 1128 -17.26 21.72 -7.33
CA LEU A 1128 -17.45 22.82 -8.28
C LEU A 1128 -16.14 23.15 -8.99
N HIS A 1129 -15.03 23.14 -8.26
CA HIS A 1129 -13.74 23.46 -8.87
C HIS A 1129 -13.38 22.43 -9.95
N ASN A 1130 -13.53 21.14 -9.64
CA ASN A 1130 -13.22 20.14 -10.65
C ASN A 1130 -14.25 20.12 -11.76
N THR A 1131 -15.48 20.58 -11.50
CA THR A 1131 -16.44 20.77 -12.58
C THR A 1131 -15.95 21.82 -13.57
N ARG A 1132 -15.44 22.94 -13.06
CA ARG A 1132 -14.87 23.95 -13.93
C ARG A 1132 -13.65 23.42 -14.67
N LEU A 1133 -12.82 22.64 -13.98
CA LEU A 1133 -11.65 22.04 -14.63
C LEU A 1133 -12.07 21.14 -15.78
N LEU A 1134 -13.08 20.30 -15.56
CA LEU A 1134 -13.56 19.40 -16.60
C LEU A 1134 -14.16 20.18 -17.76
N SER A 1135 -14.89 21.26 -17.46
CA SER A 1135 -15.45 22.08 -18.53
C SER A 1135 -14.34 22.69 -19.38
N ALA A 1136 -13.29 23.21 -18.73
CA ALA A 1136 -12.18 23.77 -19.47
C ALA A 1136 -11.49 22.71 -20.33
N TYR A 1137 -11.31 21.51 -19.78
CA TYR A 1137 -10.70 20.44 -20.55
C TYR A 1137 -11.59 20.03 -21.72
N SER A 1138 -12.91 20.10 -21.56
CA SER A 1138 -13.81 19.71 -22.64
C SER A 1138 -13.83 20.74 -23.75
N ALA A 1139 -13.77 22.02 -23.41
CA ALA A 1139 -13.87 23.07 -24.42
C ALA A 1139 -12.66 23.12 -25.35
N ILE A 1140 -11.58 22.41 -25.03
CA ILE A 1140 -10.37 22.52 -25.82
C ILE A 1140 -10.55 21.90 -27.20
N ASP A 1141 -11.20 20.74 -27.28
CA ASP A 1141 -11.29 20.01 -28.53
C ASP A 1141 -12.56 19.17 -28.56
N PRO A 1142 -13.27 19.12 -29.69
CA PRO A 1142 -14.47 18.26 -29.76
C PRO A 1142 -14.19 16.79 -29.54
N ARG A 1143 -12.99 16.31 -29.88
CA ARG A 1143 -12.68 14.91 -29.66
C ARG A 1143 -12.76 14.55 -28.18
N VAL A 1144 -12.40 15.47 -27.30
CA VAL A 1144 -12.46 15.18 -25.87
C VAL A 1144 -13.89 14.86 -25.45
N LYS A 1145 -14.84 15.73 -25.83
CA LYS A 1145 -16.23 15.49 -25.48
C LYS A 1145 -16.76 14.24 -26.17
N TYR A 1146 -16.38 14.01 -27.42
CA TYR A 1146 -16.82 12.81 -28.13
C TYR A 1146 -16.41 11.56 -27.36
N LEU A 1147 -15.12 11.45 -27.02
CA LEU A 1147 -14.64 10.26 -26.33
C LEU A 1147 -15.18 10.17 -24.92
N CYS A 1148 -15.44 11.30 -24.25
CA CYS A 1148 -16.01 11.24 -22.91
C CYS A 1148 -17.45 10.72 -22.96
N TYR A 1149 -18.24 11.18 -23.93
CA TYR A 1149 -19.59 10.65 -24.09
C TYR A 1149 -19.54 9.16 -24.44
N THR A 1150 -18.59 8.77 -25.29
CA THR A 1150 -18.44 7.36 -25.63
C THR A 1150 -18.11 6.54 -24.38
N MET A 1151 -17.22 7.06 -23.52
CA MET A 1151 -16.89 6.35 -22.29
C MET A 1151 -18.10 6.26 -21.37
N LYS A 1152 -18.89 7.33 -21.28
CA LYS A 1152 -20.08 7.30 -20.45
C LYS A 1152 -21.06 6.23 -20.92
N VAL A 1153 -21.31 6.18 -22.23
CA VAL A 1153 -22.24 5.17 -22.75
C VAL A 1153 -21.65 3.77 -22.58
N PHE A 1154 -20.33 3.63 -22.75
CA PHE A 1154 -19.69 2.33 -22.58
C PHE A 1154 -19.86 1.83 -21.16
N THR A 1155 -19.64 2.69 -20.16
CA THR A 1155 -19.79 2.27 -18.78
C THR A 1155 -21.26 2.07 -18.41
N LYS A 1156 -22.17 2.77 -19.08
CA LYS A 1156 -23.59 2.59 -18.79
C LYS A 1156 -24.08 1.24 -19.34
N MET A 1157 -23.59 0.85 -20.51
CA MET A 1157 -23.99 -0.44 -21.10
C MET A 1157 -23.37 -1.64 -20.41
N CYS A 1158 -22.24 -1.47 -19.73
CA CYS A 1158 -21.55 -2.58 -19.07
C CYS A 1158 -21.87 -2.69 -17.60
N ASP A 1159 -22.93 -2.02 -17.13
CA ASP A 1159 -23.40 -2.15 -15.76
C ASP A 1159 -22.29 -1.80 -14.75
N ILE A 1160 -21.51 -0.78 -15.07
CA ILE A 1160 -20.49 -0.26 -14.16
C ILE A 1160 -20.67 1.24 -14.04
N GLY A 1161 -19.96 1.83 -13.08
CA GLY A 1161 -20.11 3.23 -12.75
C GLY A 1161 -21.00 3.51 -11.57
N ASP A 1162 -21.42 2.48 -10.83
CA ASP A 1162 -22.31 2.64 -9.69
C ASP A 1162 -21.50 2.61 -8.40
N ALA A 1163 -21.74 3.59 -7.52
CA ALA A 1163 -21.01 3.67 -6.26
C ALA A 1163 -21.37 2.50 -5.34
N SER A 1164 -22.65 2.15 -5.27
CA SER A 1164 -23.07 1.06 -4.39
C SER A 1164 -22.45 -0.26 -4.83
N ARG A 1165 -22.32 -0.47 -6.14
CA ARG A 1165 -21.70 -1.69 -6.65
C ARG A 1165 -20.25 -1.81 -6.22
N GLY A 1166 -19.62 -0.72 -5.79
CA GLY A 1166 -18.22 -0.71 -5.46
C GLY A 1166 -17.29 -0.36 -6.60
N SER A 1167 -17.81 -0.18 -7.81
CA SER A 1167 -17.00 0.20 -8.95
C SER A 1167 -16.71 1.70 -8.92
N LEU A 1168 -15.85 2.13 -9.83
CA LEU A 1168 -15.46 3.53 -9.89
C LEU A 1168 -16.64 4.39 -10.31
N SER A 1169 -16.64 5.64 -9.84
CA SER A 1169 -17.69 6.58 -10.18
C SER A 1169 -17.43 7.15 -11.58
N SER A 1170 -18.47 7.81 -12.12
CA SER A 1170 -18.35 8.40 -13.44
C SER A 1170 -17.27 9.47 -13.49
N TYR A 1171 -17.11 10.22 -12.39
CA TYR A 1171 -16.09 11.26 -12.33
C TYR A 1171 -14.69 10.66 -12.46
N ALA A 1172 -14.48 9.49 -11.84
CA ALA A 1172 -13.20 8.80 -11.97
C ALA A 1172 -12.90 8.45 -13.42
N TYR A 1173 -13.90 7.94 -14.15
CA TYR A 1173 -13.70 7.62 -15.56
C TYR A 1173 -13.47 8.89 -16.37
N THR A 1174 -14.13 9.99 -16.00
CA THR A 1174 -13.91 11.25 -16.69
C THR A 1174 -12.47 11.71 -16.52
N LEU A 1175 -11.90 11.52 -15.34
CA LEU A 1175 -10.48 11.83 -15.15
C LEU A 1175 -9.59 10.86 -15.91
N MET A 1176 -9.97 9.58 -15.94
CA MET A 1176 -9.13 8.57 -16.59
C MET A 1176 -9.03 8.81 -18.10
N VAL A 1177 -10.15 9.18 -18.73
CA VAL A 1177 -10.11 9.43 -20.16
C VAL A 1177 -9.20 10.61 -20.47
N LEU A 1178 -9.24 11.65 -19.63
CA LEU A 1178 -8.31 12.76 -19.78
C LEU A 1178 -6.87 12.30 -19.59
N TYR A 1179 -6.65 11.38 -18.64
CA TYR A 1179 -5.31 10.85 -18.44
C TYR A 1179 -4.79 10.18 -19.70
N PHE A 1180 -5.63 9.36 -20.34
CA PHE A 1180 -5.23 8.77 -21.61
C PHE A 1180 -4.97 9.83 -22.67
N LEU A 1181 -5.86 10.82 -22.75
CA LEU A 1181 -5.70 11.86 -23.76
C LEU A 1181 -4.40 12.63 -23.57
N GLN A 1182 -3.91 12.71 -22.33
CA GLN A 1182 -2.69 13.44 -22.04
C GLN A 1182 -1.44 12.57 -22.06
N GLN A 1183 -1.58 11.25 -21.91
CA GLN A 1183 -0.44 10.37 -21.75
C GLN A 1183 0.09 9.81 -23.06
N ARG A 1184 -0.72 9.78 -24.11
CA ARG A 1184 -0.26 9.19 -25.37
C ARG A 1184 0.90 10.01 -25.96
N ASN A 1185 1.64 9.37 -26.86
CA ASN A 1185 2.86 10.00 -27.37
C ASN A 1185 2.60 11.34 -28.04
N PRO A 1186 1.65 11.48 -28.95
CA PRO A 1186 1.26 12.80 -29.42
C PRO A 1186 0.25 13.44 -28.48
N PRO A 1187 0.63 14.47 -27.73
CA PRO A 1187 -0.34 15.11 -26.83
C PRO A 1187 -1.52 15.66 -27.61
N VAL A 1188 -2.71 15.51 -27.05
CA VAL A 1188 -3.91 16.14 -27.57
C VAL A 1188 -4.26 17.40 -26.79
N ILE A 1189 -4.23 17.32 -25.46
CA ILE A 1189 -4.42 18.49 -24.61
C ILE A 1189 -3.43 18.43 -23.47
N PRO A 1190 -3.06 19.59 -22.94
CA PRO A 1190 -2.09 19.64 -21.84
C PRO A 1190 -2.77 19.57 -20.48
N VAL A 1191 -1.94 19.46 -19.44
CA VAL A 1191 -2.42 19.54 -18.07
C VAL A 1191 -2.56 21.02 -17.72
N LEU A 1192 -3.78 21.42 -17.33
CA LEU A 1192 -4.06 22.83 -17.11
C LEU A 1192 -3.41 23.36 -15.83
N GLN A 1193 -3.05 22.48 -14.90
CA GLN A 1193 -2.46 22.94 -13.65
C GLN A 1193 -1.04 23.45 -13.84
N GLU A 1194 -0.26 22.80 -14.70
CA GLU A 1194 1.12 23.19 -14.89
C GLU A 1194 1.23 24.46 -15.75
N ILE A 1195 0.37 24.60 -16.75
CA ILE A 1195 0.42 25.76 -17.64
C ILE A 1195 -0.20 26.96 -16.94
N VAL A 1206 -7.70 26.68 -1.67
CA VAL A 1206 -9.02 26.44 -1.11
C VAL A 1206 -9.06 25.07 -0.45
N ASP A 1207 -9.45 25.04 0.82
CA ASP A 1207 -9.49 23.80 1.60
C ASP A 1207 -8.12 23.13 1.64
N GLY A 1208 -7.06 23.93 1.68
CA GLY A 1208 -5.72 23.38 1.69
C GLY A 1208 -5.29 22.72 0.40
N TRP A 1209 -5.92 23.07 -0.72
CA TRP A 1209 -5.62 22.48 -2.02
C TRP A 1209 -5.48 23.57 -3.06
N ASN A 1210 -4.52 23.40 -3.96
CA ASN A 1210 -4.28 24.38 -5.02
C ASN A 1210 -5.19 24.12 -6.22
N ILE A 1217 -8.97 29.37 -22.97
CA ILE A 1217 -8.92 28.31 -23.97
C ILE A 1217 -8.41 28.88 -25.30
N ASP A 1218 -8.77 30.13 -25.58
CA ASP A 1218 -8.39 30.74 -26.85
C ASP A 1218 -6.88 30.91 -26.94
N GLU A 1219 -6.23 31.28 -25.84
CA GLU A 1219 -4.80 31.57 -25.84
C GLU A 1219 -3.94 30.36 -25.49
N LEU A 1220 -4.54 29.19 -25.28
CA LEU A 1220 -3.75 28.00 -24.97
C LEU A 1220 -2.71 27.70 -26.04
N PRO A 1221 -3.03 27.77 -27.34
CA PRO A 1221 -1.99 27.49 -28.36
C PRO A 1221 -0.75 28.36 -28.22
N THR A 1222 -0.92 29.61 -27.77
CA THR A 1222 0.23 30.50 -27.64
C THR A 1222 1.22 29.96 -26.61
N TYR A 1223 0.73 29.46 -25.48
CA TYR A 1223 1.62 28.96 -24.44
C TYR A 1223 2.04 27.51 -24.70
N TRP A 1224 1.13 26.70 -25.19
CA TRP A 1224 1.40 25.28 -25.40
C TRP A 1224 2.17 25.09 -26.71
N SER A 1225 3.33 24.46 -26.61
CA SER A 1225 4.18 24.27 -27.79
C SER A 1225 3.65 23.16 -28.70
N GLU A 1226 3.10 22.09 -28.12
CA GLU A 1226 2.67 20.92 -28.87
C GLU A 1226 1.19 20.99 -29.26
N CYS A 1227 0.63 22.18 -29.43
CA CYS A 1227 -0.78 22.33 -29.76
C CYS A 1227 -1.04 21.86 -31.19
N GLY A 1228 -2.06 21.03 -31.36
CA GLY A 1228 -2.44 20.53 -32.67
C GLY A 1228 -1.58 19.39 -33.18
N LYS A 1229 -0.72 18.82 -32.34
CA LYS A 1229 0.23 17.81 -32.81
C LYS A 1229 -0.48 16.55 -33.29
N ASN A 1230 -1.51 16.10 -32.57
CA ASN A 1230 -2.16 14.83 -32.89
C ASN A 1230 -3.24 15.06 -33.93
N THR A 1231 -3.19 14.28 -35.01
CA THR A 1231 -4.17 14.36 -36.10
C THR A 1231 -4.97 13.07 -36.24
N GLU A 1232 -4.86 12.14 -35.30
CA GLU A 1232 -5.55 10.86 -35.41
C GLU A 1232 -7.06 11.05 -35.25
N SER A 1233 -7.81 10.18 -35.91
CA SER A 1233 -9.27 10.24 -35.87
C SER A 1233 -9.78 9.86 -34.47
N VAL A 1234 -11.06 10.17 -34.24
CA VAL A 1234 -11.66 9.96 -32.92
C VAL A 1234 -11.80 8.48 -32.62
N GLY A 1235 -12.23 7.68 -33.61
CA GLY A 1235 -12.33 6.25 -33.40
C GLY A 1235 -10.99 5.60 -33.12
N GLN A 1236 -9.95 6.08 -33.79
CA GLN A 1236 -8.60 5.59 -33.52
C GLN A 1236 -8.22 5.86 -32.07
N LEU A 1237 -8.53 7.07 -31.56
CA LEU A 1237 -8.24 7.37 -30.16
C LEU A 1237 -9.07 6.51 -29.22
N TRP A 1238 -10.34 6.24 -29.59
CA TRP A 1238 -11.18 5.40 -28.75
C TRP A 1238 -10.61 4.00 -28.62
N LEU A 1239 -10.14 3.42 -29.73
CA LEU A 1239 -9.53 2.10 -29.67
C LEU A 1239 -8.18 2.14 -28.96
N GLY A 1240 -7.44 3.23 -29.15
CA GLY A 1240 -6.16 3.38 -28.48
C GLY A 1240 -6.30 3.46 -26.98
N LEU A 1241 -7.39 4.05 -26.49
CA LEU A 1241 -7.64 4.08 -25.05
C LEU A 1241 -7.74 2.65 -24.52
N LEU A 1242 -8.54 1.82 -25.17
CA LEU A 1242 -8.67 0.43 -24.74
C LEU A 1242 -7.34 -0.29 -24.79
N ARG A 1243 -6.59 -0.11 -25.88
CA ARG A 1243 -5.30 -0.78 -25.99
C ARG A 1243 -4.35 -0.32 -24.89
N PHE A 1244 -4.30 0.99 -24.63
CA PHE A 1244 -3.40 1.53 -23.62
C PHE A 1244 -3.74 1.00 -22.24
N TYR A 1245 -5.03 0.94 -21.91
CA TYR A 1245 -5.45 0.52 -20.58
C TYR A 1245 -5.52 -0.99 -20.41
N THR A 1246 -5.43 -1.76 -21.50
CA THR A 1246 -5.49 -3.21 -21.42
C THR A 1246 -4.13 -3.88 -21.61
N GLU A 1247 -3.19 -3.24 -22.31
CA GLU A 1247 -1.91 -3.86 -22.61
C GLU A 1247 -0.71 -3.05 -22.14
N GLU A 1248 -0.76 -1.73 -22.25
CA GLU A 1248 0.39 -0.89 -21.95
C GLU A 1248 0.41 -0.41 -20.51
N PHE A 1249 -0.63 0.33 -20.10
CA PHE A 1249 -0.67 0.87 -18.75
C PHE A 1249 -0.79 -0.24 -17.73
N ASP A 1250 -0.02 -0.13 -16.66
CA ASP A 1250 -0.05 -1.08 -15.55
C ASP A 1250 -0.63 -0.37 -14.33
N PHE A 1251 -1.74 -0.91 -13.81
CA PHE A 1251 -2.40 -0.31 -12.66
C PHE A 1251 -1.69 -0.62 -11.35
N LYS A 1252 -0.77 -1.58 -11.33
CA LYS A 1252 -0.08 -1.99 -10.11
C LYS A 1252 1.18 -1.18 -9.85
N GLU A 1253 1.60 -0.31 -10.78
CA GLU A 1253 2.84 0.44 -10.61
C GLU A 1253 2.70 1.90 -11.04
N HIS A 1254 1.50 2.36 -11.37
CA HIS A 1254 1.30 3.75 -11.78
C HIS A 1254 -0.05 4.24 -11.27
N VAL A 1255 -0.15 5.55 -11.09
CA VAL A 1255 -1.35 6.19 -10.56
C VAL A 1255 -1.91 7.10 -11.64
N ILE A 1256 -3.22 6.98 -11.89
CA ILE A 1256 -3.89 7.81 -12.88
C ILE A 1256 -4.16 9.17 -12.25
N SER A 1257 -3.45 10.20 -12.71
CA SER A 1257 -3.61 11.55 -12.19
C SER A 1257 -3.29 12.53 -13.30
N ILE A 1258 -4.06 13.62 -13.36
CA ILE A 1258 -3.88 14.67 -14.35
C ILE A 1258 -3.25 15.92 -13.76
N ARG A 1259 -2.73 15.82 -12.53
CA ARG A 1259 -2.10 16.98 -11.91
C ARG A 1259 -0.85 17.41 -12.69
N ARG A 1260 -0.06 16.44 -13.13
CA ARG A 1260 1.15 16.72 -13.91
C ARG A 1260 1.32 15.64 -14.97
N LYS A 1261 2.07 15.98 -16.02
CA LYS A 1261 2.29 15.07 -17.13
C LYS A 1261 3.32 13.99 -16.83
N SER A 1262 4.09 14.13 -15.77
CA SER A 1262 5.11 13.15 -15.43
C SER A 1262 4.46 11.94 -14.74
N LEU A 1263 5.23 10.86 -14.65
CA LEU A 1263 4.73 9.63 -14.06
C LEU A 1263 4.52 9.79 -12.56
N LEU A 1264 3.67 8.92 -12.01
CA LEU A 1264 3.35 8.96 -10.57
C LEU A 1264 3.10 7.52 -10.13
N THR A 1265 4.12 6.90 -9.56
CA THR A 1265 3.99 5.53 -9.07
C THR A 1265 3.17 5.50 -7.78
N THR A 1266 2.68 4.30 -7.45
CA THR A 1266 1.84 4.14 -6.28
C THR A 1266 2.61 4.21 -4.97
N PHE A 1267 3.93 4.01 -5.01
CA PHE A 1267 4.70 3.97 -3.78
C PHE A 1267 4.74 5.33 -3.10
N LYS A 1268 4.81 6.40 -3.88
CA LYS A 1268 4.95 7.74 -3.31
C LYS A 1268 3.75 8.08 -2.43
N LYS A 1269 2.54 7.83 -2.93
CA LYS A 1269 1.33 8.05 -2.15
C LYS A 1269 1.04 6.87 -1.23
N GLN A 1270 1.77 5.76 -1.38
CA GLN A 1270 1.58 4.57 -0.56
C GLN A 1270 0.21 3.94 -0.77
N TRP A 1271 -0.39 4.17 -1.93
CA TRP A 1271 -1.65 3.52 -2.29
C TRP A 1271 -1.34 2.14 -2.89
N THR A 1272 -0.82 1.26 -2.02
CA THR A 1272 -0.41 -0.06 -2.49
C THR A 1272 -1.58 -0.88 -3.02
N SER A 1273 -2.80 -0.53 -2.65
CA SER A 1273 -3.98 -1.24 -3.13
C SER A 1273 -5.14 -0.28 -3.35
N ILE A 1276 -7.35 -0.78 -9.49
CA ILE A 1276 -7.28 0.50 -10.16
C ILE A 1276 -7.20 1.62 -9.13
N VAL A 1277 -6.27 2.54 -9.33
CA VAL A 1277 -6.08 3.69 -8.44
C VAL A 1277 -6.16 4.95 -9.28
N ILE A 1278 -7.06 5.86 -8.89
CA ILE A 1278 -7.25 7.13 -9.58
C ILE A 1278 -7.22 8.24 -8.54
N GLU A 1279 -6.74 9.41 -8.96
CA GLU A 1279 -6.53 10.54 -8.06
C GLU A 1279 -7.28 11.77 -8.55
N ASP A 1280 -7.74 12.57 -7.60
CA ASP A 1280 -8.44 13.82 -7.87
C ASP A 1280 -7.44 14.91 -8.27
N PRO A 1281 -7.81 15.80 -9.21
CA PRO A 1281 -6.83 16.83 -9.62
C PRO A 1281 -6.41 17.74 -8.48
N PHE A 1282 -7.34 18.12 -7.60
CA PHE A 1282 -7.04 18.95 -6.44
C PHE A 1282 -7.06 18.19 -5.12
N ASP A 1283 -7.68 17.00 -5.09
CA ASP A 1283 -7.85 16.23 -3.87
C ASP A 1283 -6.81 15.12 -3.87
N LEU A 1284 -5.60 15.47 -3.46
CA LEU A 1284 -4.47 14.55 -3.59
C LEU A 1284 -4.59 13.37 -2.63
N ASN A 1285 -4.76 13.64 -1.34
CA ASN A 1285 -4.78 12.56 -0.36
C ASN A 1285 -6.04 11.69 -0.48
N HIS A 1286 -7.07 12.17 -1.15
CA HIS A 1286 -8.29 11.40 -1.32
C HIS A 1286 -8.18 10.49 -2.52
N ASN A 1287 -8.55 9.21 -2.34
CA ASN A 1287 -8.49 8.20 -3.37
C ASN A 1287 -9.91 7.76 -3.70
N LEU A 1288 -10.26 7.80 -4.99
CA LEU A 1288 -11.61 7.43 -5.41
C LEU A 1288 -11.80 5.92 -5.42
N GLY A 1289 -10.73 5.15 -5.65
CA GLY A 1289 -10.84 3.71 -5.68
C GLY A 1289 -10.52 3.07 -4.34
N ALA A 1290 -10.80 3.79 -3.25
CA ALA A 1290 -10.50 3.27 -1.92
C ALA A 1290 -11.30 2.00 -1.63
N GLY A 1291 -12.57 1.98 -1.99
CA GLY A 1291 -13.43 0.85 -1.70
C GLY A 1291 -13.51 -0.14 -2.85
N LEU A 1292 -12.52 -0.09 -3.75
CA LEU A 1292 -12.52 -0.94 -4.94
C LEU A 1292 -12.13 -2.35 -4.55
N SER A 1293 -13.10 -3.27 -4.59
CA SER A 1293 -12.83 -4.68 -4.29
C SER A 1293 -12.32 -5.38 -5.54
N ARG A 1294 -11.41 -6.34 -5.35
CA ARG A 1294 -10.79 -7.01 -6.49
C ARG A 1294 -11.81 -7.67 -7.40
N LYS A 1295 -12.96 -8.07 -6.85
CA LYS A 1295 -14.01 -8.65 -7.70
C LYS A 1295 -14.50 -7.63 -8.73
N MET A 1296 -14.73 -6.40 -8.28
CA MET A 1296 -15.17 -5.34 -9.19
C MET A 1296 -14.06 -4.98 -10.16
N THR A 1297 -12.80 -5.04 -9.72
CA THR A 1297 -11.68 -4.80 -10.64
C THR A 1297 -11.64 -5.86 -11.73
N ASN A 1298 -11.85 -7.12 -11.36
CA ASN A 1298 -11.89 -8.19 -12.35
C ASN A 1298 -13.02 -7.96 -13.35
N PHE A 1299 -14.20 -7.59 -12.86
CA PHE A 1299 -15.30 -7.31 -13.78
C PHE A 1299 -14.98 -6.12 -14.69
N ILE A 1300 -14.34 -5.08 -14.14
CA ILE A 1300 -14.01 -3.90 -14.94
C ILE A 1300 -13.04 -4.27 -16.05
N MET A 1301 -11.98 -5.01 -15.71
CA MET A 1301 -11.00 -5.38 -16.73
C MET A 1301 -11.59 -6.36 -17.74
N LYS A 1302 -12.50 -7.23 -17.30
CA LYS A 1302 -13.19 -8.11 -18.25
C LYS A 1302 -14.02 -7.29 -19.23
N ALA A 1303 -14.73 -6.28 -18.73
CA ALA A 1303 -15.53 -5.43 -19.62
C ALA A 1303 -14.64 -4.68 -20.60
N PHE A 1304 -13.50 -4.18 -20.12
CA PHE A 1304 -12.59 -3.47 -21.03
C PHE A 1304 -12.01 -4.41 -22.08
N ILE A 1305 -11.67 -5.64 -21.70
CA ILE A 1305 -11.18 -6.61 -22.68
C ILE A 1305 -12.25 -6.92 -23.71
N ASN A 1306 -13.50 -7.06 -23.27
CA ASN A 1306 -14.59 -7.31 -24.21
C ASN A 1306 -14.78 -6.13 -25.16
N GLY A 1307 -14.67 -4.91 -24.63
CA GLY A 1307 -14.75 -3.73 -25.48
C GLY A 1307 -13.64 -3.72 -26.52
N ARG A 1308 -12.42 -4.05 -26.11
CA ARG A 1308 -11.32 -4.15 -27.06
C ARG A 1308 -11.62 -5.21 -28.13
N ARG A 1309 -12.16 -6.35 -27.71
CA ARG A 1309 -12.48 -7.41 -28.67
C ARG A 1309 -13.48 -6.92 -29.71
N VAL A 1310 -14.55 -6.26 -29.26
CA VAL A 1310 -15.61 -5.85 -30.19
C VAL A 1310 -15.12 -4.71 -31.09
N PHE A 1311 -14.36 -3.76 -30.54
CA PHE A 1311 -13.95 -2.59 -31.30
C PHE A 1311 -12.63 -2.76 -32.04
N GLY A 1312 -11.98 -3.92 -31.91
CA GLY A 1312 -10.67 -4.11 -32.51
C GLY A 1312 -10.65 -5.15 -33.63
N ILE A 1313 -11.77 -5.83 -33.85
CA ILE A 1313 -11.86 -6.85 -34.88
C ILE A 1313 -12.71 -6.31 -36.02
N PRO A 1314 -12.11 -5.88 -37.14
CA PRO A 1314 -12.93 -5.37 -38.25
C PRO A 1314 -13.86 -6.45 -38.80
N VAL A 1315 -15.06 -6.02 -39.15
CA VAL A 1315 -16.06 -6.89 -39.77
C VAL A 1315 -16.74 -6.12 -40.90
N LYS A 1316 -16.87 -6.76 -42.05
CA LYS A 1316 -17.48 -6.13 -43.22
C LYS A 1316 -18.95 -6.54 -43.32
N GLY A 1317 -19.81 -5.55 -43.46
CA GLY A 1317 -21.24 -5.80 -43.56
C GLY A 1317 -21.89 -5.90 -42.19
N PHE A 1318 -23.13 -5.42 -42.13
CA PHE A 1318 -23.91 -5.44 -40.89
C PHE A 1318 -25.28 -6.07 -41.11
N LYS A 1325 -25.81 -0.09 -35.68
CA LYS A 1325 -24.42 0.11 -35.27
C LYS A 1325 -24.35 0.21 -33.75
N MET A 1326 -25.18 1.09 -33.18
CA MET A 1326 -25.29 1.18 -31.72
C MET A 1326 -25.76 -0.13 -31.11
N GLU A 1327 -26.84 -0.71 -31.66
CA GLU A 1327 -27.37 -1.94 -31.09
C GLU A 1327 -26.35 -3.08 -31.16
N TYR A 1328 -25.43 -3.03 -32.12
CA TYR A 1328 -24.47 -4.10 -32.32
C TYR A 1328 -23.20 -3.91 -31.48
N PHE A 1329 -22.56 -2.74 -31.60
CA PHE A 1329 -21.31 -2.51 -30.87
C PHE A 1329 -21.54 -2.51 -29.37
N PHE A 1330 -22.49 -1.72 -28.90
CA PHE A 1330 -22.78 -1.58 -27.48
C PHE A 1330 -23.93 -2.51 -27.08
N ASP A 1331 -23.69 -3.81 -27.23
CA ASP A 1331 -24.65 -4.82 -26.85
C ASP A 1331 -24.36 -5.28 -25.43
N PRO A 1332 -25.28 -5.07 -24.47
CA PRO A 1332 -24.96 -5.48 -23.09
C PRO A 1332 -24.71 -6.96 -22.93
N ASP A 1333 -25.40 -7.81 -23.69
CA ASP A 1333 -25.22 -9.25 -23.57
C ASP A 1333 -23.84 -9.67 -24.05
N VAL A 1334 -23.41 -9.17 -25.20
CA VAL A 1334 -22.12 -9.56 -25.76
C VAL A 1334 -20.98 -8.98 -24.92
N LEU A 1335 -21.11 -7.72 -24.49
CA LEU A 1335 -20.05 -7.07 -23.74
C LEU A 1335 -19.91 -7.62 -22.32
N THR A 1336 -20.85 -8.43 -21.85
CA THR A 1336 -20.78 -8.99 -20.51
C THR A 1336 -21.02 -10.49 -20.55
#